data_8GW8
#
_entry.id   8GW8
#
_cell.length_a   1.00
_cell.length_b   1.00
_cell.length_c   1.00
_cell.angle_alpha   90.00
_cell.angle_beta   90.00
_cell.angle_gamma   90.00
#
_symmetry.space_group_name_H-M   'P 1'
#
loop_
_entity.id
_entity.type
_entity.pdbx_description
1 polymer 'Isoform Gnas-2 of Guanine nucleotide-binding protein G(s) subunit alpha isoforms short'
2 polymer 'Guanine nucleotide-binding protein G(I)/G(S)/G(T) subunit beta-1'
3 polymer 'Guanine nucleotide-binding protein G(I)/G(S)/G(O) subunit gamma-2'
4 polymer Nanobody-35
5 polymer 'Parathyroid hormone/parathyroid hormone-related peptide receptor'
6 non-polymer PCO-371
#
loop_
_entity_poly.entity_id
_entity_poly.type
_entity_poly.pdbx_seq_one_letter_code
_entity_poly.pdbx_strand_id
1 'polypeptide(L)'
;QRNEEKAQREANKKIEKQLQKDKQVYRATHRLLLLGADNSGKSTIVKQMRILHVNGFNGDSEKATKVQDIKNNLKEAIET
IVAAMSNLVPPVELANPENQFRVDYILSVMNVPDFDFPPEFYEHAKALWEDEGVRACYERSNEYQLIDCAQYFLDKIDVI
KQADYVPSDQDLLRCRVLTSGIFETKFQVDKVNFHMFDVGGQRDERRKWIQCFNDVTAIIFVVDSSDYNRLQEALNLFKS
IWNNRWLRTISVILFLNKQDLLAEKVLAGKSKIEDYFPEFARYTTPEDATPEPGEDPRVTRAKYFIRDEFLRISTASGDG
RHYCYPHFTCAVDTENARRIFNDCRDIIQRMHLRQYELL
;
A
2 'polypeptide(L)'
;MHHHHHHGSLLQSELDQLRQEAEQLKNQIRDARKACADATLSQITNNIDPVGRIQMRTRRTLRGHLAKIYAMHWGTDSRL
LVSASQDGKLIIWDSYTTNKVHAIPLRSSWVMTCAYAPSGNYVACGGLDNICSIYNLKTREGNVRVSRELAGHTGYLSCC
RFLDDNQIVTSSGDTTCALWDIETGQQTTTFTGHTGDVMSLSLAPDTRLFVSGACDASAKLWDVREGMCRQTFTGHESDI
NAICFFPNGNAFATGSDDATCRLFDLRADQELMTYSHDNIICGITSVSFSKSGRLLLAGYDDFNCNVWDALKADRAGVLA
GHDNRVSCLGVTDDGMAVATGSWDSFLKIWN
;
B
3 'polypeptide(L)' MASNNTASIAQARKLVEQLKMEANIDRIKVSKAAADLMAYCEAHAKEDPLLTPVPASENPFREKKFFS G
4 'polypeptide(L)'
;QVQLQESGGGLVQPGGSLRLSCAASGFTFSNYKMNWVRQAPGKGLEWVSDISQSGASISYTGSVKGRFTISRDNAKNTLY
LQMNSLKPEDTAVYYCARCPAPFTRDCFDVTSTTYAYRGQGTQVTVSS
;
N
5 'polypeptide(L)'
;DYKDDDDKDADDVMTKEEQIFLLHRAQAQCEKRLKEVLQRPASIMESDKGWTSASTSGKPRKDKASGKLYPESEEDKEAP
TGSRYRGRPCLPEWDHILCWPLGAPGEVVAVPCPDYIYDFNHKGHAYRRCDRNGSWELVPGHNRTWANYSECVKFLTNET
REREVFDRLGMIYTVGYSVSLASLTVAVLILAYFRRLHCTRNYIHMHLFLSFMLRAVSIFVKDAVLYSGATLDEAERLTE
EELRAIAQAPPPPATAAAGYAGCRVAVTFFLYFLATNYYWILVEGLYLHSLIFMAFFSEKKYLWGFTVFGWGLPAVFVAV
WVSVRATLANTGCWDLSSGNKKWIIQVPILASIVLNFILFINIVRVLATKLRETNAGRCDTRQQYRKLLKSTLVLMPLFG
VHYIVFMATPYTEVSGTLWQVQMHYEMLFNSFQGFFVAIIYCFCNGEVQAEIKKSWSRWTLALDFKRKARSGS
;
R
#
loop_
_chem_comp.id
_chem_comp.type
_chem_comp.name
_chem_comp.formula
KHF non-polymer PCO-371 'C29 H32 F3 N5 O6 S'
#
# COMPACT_ATOMS: atom_id res chain seq x y z
N GLN A 1 -18.70 29.43 29.11
CA GLN A 1 -17.26 29.65 29.15
C GLN A 1 -16.50 28.34 29.06
N ARG A 2 -16.06 27.83 30.21
CA ARG A 2 -15.35 26.56 30.28
C ARG A 2 -16.28 25.35 30.21
N ASN A 3 -17.60 25.56 30.20
CA ASN A 3 -18.52 24.43 30.10
C ASN A 3 -18.37 23.71 28.76
N GLU A 4 -18.16 24.45 27.68
CA GLU A 4 -17.95 23.83 26.38
C GLU A 4 -16.67 23.00 26.36
N GLU A 5 -15.59 23.54 26.95
CA GLU A 5 -14.33 22.78 26.99
C GLU A 5 -14.46 21.54 27.86
N LYS A 6 -15.17 21.65 28.98
CA LYS A 6 -15.41 20.47 29.81
C LYS A 6 -16.24 19.44 29.08
N ALA A 7 -17.27 19.88 28.34
CA ALA A 7 -18.07 18.96 27.54
C ALA A 7 -17.24 18.32 26.44
N GLN A 8 -16.40 19.10 25.77
CA GLN A 8 -15.59 18.57 24.68
C GLN A 8 -14.56 17.57 25.17
N ARG A 9 -13.91 17.85 26.29
CA ARG A 9 -12.92 16.92 26.83
C ARG A 9 -13.60 15.68 27.41
N GLU A 10 -14.78 15.84 28.01
CA GLU A 10 -15.54 14.68 28.46
C GLU A 10 -16.05 13.85 27.29
N ALA A 11 -16.45 14.50 26.19
CA ALA A 11 -16.91 13.77 25.03
C ALA A 11 -15.81 12.94 24.40
N ASN A 12 -14.59 13.49 24.32
CA ASN A 12 -13.49 12.78 23.70
C ASN A 12 -13.16 11.48 24.43
N LYS A 13 -13.41 11.44 25.74
CA LYS A 13 -13.17 10.21 26.49
C LYS A 13 -14.14 9.11 26.06
N LYS A 14 -15.38 9.48 25.73
CA LYS A 14 -16.37 8.50 25.29
C LYS A 14 -15.96 7.85 23.97
N ILE A 15 -15.47 8.65 23.01
CA ILE A 15 -14.95 8.08 21.78
C ILE A 15 -13.71 7.24 22.06
N GLU A 16 -12.82 7.72 22.94
CA GLU A 16 -11.59 6.99 23.22
C GLU A 16 -11.86 5.63 23.84
N LYS A 17 -12.87 5.54 24.71
CA LYS A 17 -13.24 4.23 25.27
C LYS A 17 -13.73 3.29 24.18
N GLN A 18 -14.56 3.80 23.27
CA GLN A 18 -15.08 2.95 22.20
C GLN A 18 -13.98 2.53 21.23
N LEU A 19 -13.05 3.44 20.92
CA LEU A 19 -11.99 3.11 19.98
C LEU A 19 -11.09 2.02 20.52
N GLN A 20 -10.87 1.99 21.84
CA GLN A 20 -10.08 0.93 22.44
C GLN A 20 -10.81 -0.41 22.39
N LYS A 21 -12.13 -0.39 22.59
CA LYS A 21 -12.91 -1.62 22.45
C LYS A 21 -12.91 -2.11 21.01
N ASP A 22 -13.04 -1.20 20.04
CA ASP A 22 -13.00 -1.59 18.63
C ASP A 22 -11.62 -2.09 18.22
N LYS A 23 -10.57 -1.64 18.90
CA LYS A 23 -9.23 -2.11 18.57
C LYS A 23 -9.07 -3.59 18.88
N GLN A 24 -9.67 -4.07 19.96
CA GLN A 24 -9.57 -5.48 20.32
C GLN A 24 -10.20 -6.36 19.25
N VAL A 25 -11.38 -5.98 18.75
CA VAL A 25 -12.04 -6.76 17.73
C VAL A 25 -11.28 -6.70 16.41
N TYR A 26 -10.76 -5.52 16.08
CA TYR A 26 -10.04 -5.35 14.81
C TYR A 26 -8.77 -6.19 14.78
N ARG A 27 -8.00 -6.18 15.88
CA ARG A 27 -6.74 -6.93 15.90
C ARG A 27 -6.98 -8.44 15.91
N ALA A 28 -8.03 -8.89 16.59
CA ALA A 28 -8.30 -10.33 16.65
C ALA A 28 -8.70 -10.89 15.30
N THR A 29 -9.52 -10.16 14.55
CA THR A 29 -10.02 -10.64 13.28
C THR A 29 -8.92 -10.67 12.22
N HIS A 30 -9.01 -11.66 11.33
CA HIS A 30 -8.08 -11.80 10.22
C HIS A 30 -8.84 -11.51 8.93
N ARG A 31 -8.37 -10.52 8.17
CA ARG A 31 -8.97 -10.17 6.90
C ARG A 31 -8.28 -10.92 5.77
N LEU A 32 -9.08 -11.41 4.82
CA LEU A 32 -8.57 -12.19 3.70
C LEU A 32 -9.18 -11.67 2.41
N LEU A 33 -8.35 -11.52 1.38
CA LEU A 33 -8.81 -11.11 0.06
C LEU A 33 -8.96 -12.35 -0.82
N LEU A 34 -10.20 -12.69 -1.14
CA LEU A 34 -10.48 -13.81 -2.05
C LEU A 34 -10.40 -13.30 -3.48
N LEU A 35 -9.39 -13.73 -4.21
CA LEU A 35 -9.19 -13.31 -5.58
C LEU A 35 -9.17 -14.53 -6.50
N GLY A 36 -9.74 -14.37 -7.69
CA GLY A 36 -9.81 -15.46 -8.63
C GLY A 36 -10.47 -15.02 -9.92
N ALA A 37 -10.74 -15.99 -10.77
CA ALA A 37 -11.34 -15.75 -12.08
C ALA A 37 -12.78 -16.27 -12.10
N ASP A 38 -13.43 -16.10 -13.25
CA ASP A 38 -14.79 -16.60 -13.42
C ASP A 38 -14.84 -18.11 -13.34
N ASN A 39 -13.88 -18.79 -13.97
CA ASN A 39 -13.84 -20.24 -14.01
C ASN A 39 -13.03 -20.84 -12.86
N SER A 40 -12.47 -20.02 -11.98
CA SER A 40 -11.65 -20.55 -10.89
C SER A 40 -12.47 -21.39 -9.92
N GLY A 41 -13.69 -20.95 -9.61
CA GLY A 41 -14.52 -21.67 -8.65
C GLY A 41 -14.50 -21.03 -7.29
N LYS A 42 -14.47 -19.69 -7.25
CA LYS A 42 -14.44 -18.98 -5.99
C LYS A 42 -15.69 -19.22 -5.15
N SER A 43 -16.86 -19.24 -5.81
CA SER A 43 -18.11 -19.41 -5.08
C SER A 43 -18.24 -20.79 -4.45
N THR A 44 -17.61 -21.81 -5.04
CA THR A 44 -17.66 -23.14 -4.45
C THR A 44 -16.94 -23.17 -3.11
N ILE A 45 -15.78 -22.53 -3.02
CA ILE A 45 -15.04 -22.49 -1.77
C ILE A 45 -15.82 -21.70 -0.71
N VAL A 46 -16.40 -20.57 -1.10
CA VAL A 46 -17.16 -19.76 -0.16
C VAL A 46 -18.37 -20.53 0.36
N LYS A 47 -19.10 -21.21 -0.52
CA LYS A 47 -20.32 -21.89 -0.13
C LYS A 47 -20.06 -23.01 0.87
N GLN A 48 -19.02 -23.82 0.62
CA GLN A 48 -18.76 -24.97 1.48
C GLN A 48 -18.15 -24.59 2.81
N MET A 49 -17.59 -23.38 2.93
CA MET A 49 -17.03 -22.91 4.20
C MET A 49 -18.17 -22.35 5.05
N ARG A 50 -18.92 -23.28 5.64
CA ARG A 50 -20.06 -22.93 6.49
C ARG A 50 -19.63 -22.79 7.94
N ILE A 51 -18.66 -21.88 8.16
CA ILE A 51 -18.12 -21.58 9.48
C ILE A 51 -17.64 -22.84 10.20
N GLY A 181 -21.06 -4.49 -4.61
CA GLY A 181 -19.73 -3.95 -4.78
C GLY A 181 -18.64 -4.82 -4.19
N ILE A 182 -18.90 -5.36 -3.00
CA ILE A 182 -17.97 -6.27 -2.35
C ILE A 182 -18.79 -7.20 -1.45
N PHE A 183 -18.39 -8.47 -1.41
CA PHE A 183 -19.09 -9.49 -0.64
C PHE A 183 -18.18 -10.01 0.46
N GLU A 184 -18.70 -10.05 1.68
CA GLU A 184 -17.94 -10.45 2.85
C GLU A 184 -18.43 -11.81 3.33
N THR A 185 -17.52 -12.61 3.86
CA THR A 185 -17.83 -13.95 4.36
C THR A 185 -17.07 -14.14 5.67
N LYS A 186 -17.81 -14.21 6.77
CA LYS A 186 -17.22 -14.42 8.09
C LYS A 186 -17.32 -15.89 8.47
N PHE A 187 -16.20 -16.45 8.93
CA PHE A 187 -16.19 -17.83 9.43
C PHE A 187 -15.22 -17.94 10.59
N GLN A 188 -15.64 -18.63 11.64
CA GLN A 188 -14.84 -18.79 12.85
C GLN A 188 -14.27 -20.20 12.90
N VAL A 189 -12.96 -20.30 13.08
CA VAL A 189 -12.27 -21.58 13.18
C VAL A 189 -11.45 -21.57 14.46
N ASP A 190 -11.75 -22.51 15.37
CA ASP A 190 -11.05 -22.62 16.66
C ASP A 190 -11.09 -21.30 17.43
N LYS A 191 -12.26 -20.67 17.45
CA LYS A 191 -12.47 -19.39 18.13
C LYS A 191 -11.55 -18.30 17.59
N VAL A 192 -11.30 -18.33 16.28
CA VAL A 192 -10.52 -17.32 15.59
C VAL A 192 -11.37 -16.78 14.46
N ASN A 193 -11.71 -15.49 14.54
CA ASN A 193 -12.60 -14.88 13.55
C ASN A 193 -11.84 -14.55 12.28
N PHE A 194 -12.41 -14.94 11.14
CA PHE A 194 -11.88 -14.61 9.83
C PHE A 194 -12.88 -13.75 9.07
N HIS A 195 -12.39 -13.07 8.03
CA HIS A 195 -13.25 -12.16 7.26
C HIS A 195 -12.75 -12.19 5.81
N MET A 196 -13.41 -13.01 5.00
CA MET A 196 -13.07 -13.17 3.59
C MET A 196 -13.80 -12.12 2.77
N PHE A 197 -13.07 -11.40 1.93
CA PHE A 197 -13.63 -10.34 1.10
C PHE A 197 -13.52 -10.73 -0.36
N ASP A 198 -14.66 -10.85 -1.03
CA ASP A 198 -14.73 -11.06 -2.47
C ASP A 198 -15.13 -9.75 -3.14
N VAL A 199 -14.35 -9.31 -4.11
CA VAL A 199 -14.55 -8.03 -4.77
C VAL A 199 -14.95 -8.34 -6.21
N GLY A 200 -16.26 -8.40 -6.46
CA GLY A 200 -16.76 -8.74 -7.77
C GLY A 200 -17.60 -7.65 -8.41
N GLY A 201 -17.86 -6.58 -7.67
CA GLY A 201 -18.71 -5.51 -8.16
C GLY A 201 -17.95 -4.41 -8.90
N GLN A 202 -16.73 -4.70 -9.31
CA GLN A 202 -15.88 -3.75 -10.00
C GLN A 202 -15.64 -4.19 -11.43
N ARG A 203 -14.82 -3.41 -12.14
CA ARG A 203 -14.45 -3.71 -13.51
C ARG A 203 -13.14 -4.50 -13.55
N ASP A 204 -12.77 -4.93 -14.76
CA ASP A 204 -11.60 -5.79 -14.92
C ASP A 204 -10.30 -5.07 -14.63
N GLU A 205 -10.29 -3.75 -14.62
CA GLU A 205 -9.10 -2.98 -14.25
C GLU A 205 -9.01 -2.92 -12.73
N ARG A 206 -7.96 -3.51 -12.16
CA ARG A 206 -7.87 -3.71 -10.72
C ARG A 206 -6.56 -3.17 -10.13
N ARG A 207 -5.96 -2.18 -10.78
CA ARG A 207 -4.70 -1.64 -10.27
C ARG A 207 -4.89 -0.50 -9.29
N LYS A 208 -6.13 -0.07 -9.04
CA LYS A 208 -6.39 1.02 -8.11
C LYS A 208 -7.08 0.59 -6.83
N TRP A 209 -7.95 -0.41 -6.88
CA TRP A 209 -8.60 -0.90 -5.67
C TRP A 209 -7.87 -2.07 -5.03
N ILE A 210 -6.90 -2.67 -5.71
CA ILE A 210 -6.08 -3.70 -5.08
C ILE A 210 -5.18 -3.11 -4.02
N GLN A 211 -4.87 -1.82 -4.10
CA GLN A 211 -4.06 -1.16 -3.08
C GLN A 211 -4.77 -1.08 -1.74
N CYS A 212 -6.09 -1.20 -1.72
CA CYS A 212 -6.85 -1.19 -0.48
C CYS A 212 -6.57 -2.41 0.40
N PHE A 213 -5.94 -3.45 -0.14
CA PHE A 213 -5.68 -4.68 0.59
C PHE A 213 -4.19 -4.90 0.78
N ASN A 214 -3.47 -3.83 1.14
CA ASN A 214 -2.04 -3.94 1.40
C ASN A 214 -1.73 -4.46 2.79
N ASP A 215 -2.72 -4.58 3.67
CA ASP A 215 -2.51 -5.05 5.04
C ASP A 215 -3.36 -6.26 5.40
N VAL A 216 -3.91 -6.96 4.40
CA VAL A 216 -4.66 -8.18 4.70
C VAL A 216 -3.69 -9.25 5.19
N THR A 217 -4.22 -10.19 5.98
CA THR A 217 -3.39 -11.28 6.48
C THR A 217 -2.88 -12.15 5.34
N ALA A 218 -3.73 -12.46 4.38
CA ALA A 218 -3.32 -13.27 3.24
C ALA A 218 -4.26 -13.00 2.07
N ILE A 219 -3.79 -13.33 0.88
CA ILE A 219 -4.59 -13.26 -0.34
C ILE A 219 -4.85 -14.69 -0.79
N ILE A 220 -6.13 -15.09 -0.81
CA ILE A 220 -6.51 -16.44 -1.21
C ILE A 220 -6.68 -16.43 -2.73
N PHE A 221 -5.69 -16.98 -3.43
CA PHE A 221 -5.69 -17.01 -4.90
C PHE A 221 -6.19 -18.37 -5.36
N VAL A 222 -7.34 -18.38 -6.03
CA VAL A 222 -7.97 -19.60 -6.52
C VAL A 222 -7.72 -19.72 -8.02
N VAL A 223 -7.33 -20.91 -8.47
CA VAL A 223 -7.03 -21.19 -9.86
C VAL A 223 -7.81 -22.43 -10.29
N ASP A 224 -8.20 -22.45 -11.57
CA ASP A 224 -8.78 -23.64 -12.18
C ASP A 224 -7.66 -24.43 -12.84
N SER A 225 -7.31 -25.58 -12.25
CA SER A 225 -6.20 -26.38 -12.76
C SER A 225 -6.54 -27.04 -14.09
N SER A 226 -7.80 -27.42 -14.30
CA SER A 226 -8.17 -28.11 -15.53
C SER A 226 -8.12 -27.19 -16.74
N ASP A 227 -8.36 -25.89 -16.55
CA ASP A 227 -8.46 -24.95 -17.65
C ASP A 227 -7.05 -24.59 -18.09
N TYR A 228 -6.55 -25.31 -19.10
CA TYR A 228 -5.15 -25.20 -19.48
C TYR A 228 -4.83 -23.84 -20.11
N ASN A 229 -5.65 -23.38 -21.06
CA ASN A 229 -5.28 -22.18 -21.80
C ASN A 229 -5.34 -20.93 -20.93
N ARG A 230 -6.09 -20.98 -19.84
CA ARG A 230 -6.21 -19.83 -18.94
C ARG A 230 -5.21 -19.87 -17.80
N LEU A 231 -4.34 -20.87 -17.74
CA LEU A 231 -3.33 -20.92 -16.68
C LEU A 231 -2.32 -19.80 -16.81
N GLN A 232 -1.93 -19.44 -18.03
CA GLN A 232 -1.00 -18.33 -18.21
C GLN A 232 -1.60 -17.01 -17.78
N GLU A 233 -2.92 -16.85 -17.95
CA GLU A 233 -3.60 -15.66 -17.43
C GLU A 233 -3.53 -15.61 -15.92
N ALA A 234 -3.71 -16.76 -15.26
CA ALA A 234 -3.60 -16.81 -13.81
C ALA A 234 -2.16 -16.63 -13.34
N LEU A 235 -1.20 -17.15 -14.11
CA LEU A 235 0.20 -16.95 -13.78
C LEU A 235 0.59 -15.48 -13.87
N ASN A 236 0.08 -14.77 -14.89
CA ASN A 236 0.36 -13.36 -15.03
C ASN A 236 -0.21 -12.55 -13.87
N LEU A 237 -1.44 -12.88 -13.44
CA LEU A 237 -2.04 -12.18 -12.31
C LEU A 237 -1.26 -12.46 -11.03
N PHE A 238 -0.78 -13.69 -10.84
CA PHE A 238 0.02 -14.00 -9.67
C PHE A 238 1.33 -13.22 -9.68
N LYS A 239 1.96 -13.08 -10.85
CA LYS A 239 3.20 -12.34 -10.93
C LYS A 239 2.99 -10.86 -10.59
N SER A 240 1.87 -10.28 -11.02
CA SER A 240 1.61 -8.87 -10.75
C SER A 240 1.40 -8.63 -9.26
N ILE A 241 0.62 -9.48 -8.60
CA ILE A 241 0.38 -9.33 -7.16
C ILE A 241 1.67 -9.54 -6.38
N TRP A 242 2.47 -10.52 -6.79
CA TRP A 242 3.71 -10.81 -6.08
C TRP A 242 4.69 -9.65 -6.17
N ASN A 243 4.80 -9.02 -7.33
CA ASN A 243 5.77 -7.96 -7.57
C ASN A 243 5.22 -6.56 -7.37
N ASN A 244 3.97 -6.43 -6.93
CA ASN A 244 3.41 -5.10 -6.70
C ASN A 244 4.09 -4.45 -5.51
N ARG A 245 4.31 -3.13 -5.60
CA ARG A 245 5.03 -2.42 -4.56
C ARG A 245 4.28 -2.46 -3.23
N TRP A 246 2.96 -2.33 -3.28
CA TRP A 246 2.15 -2.29 -2.07
C TRP A 246 1.69 -3.66 -1.59
N LEU A 247 1.92 -4.71 -2.38
CA LEU A 247 1.56 -6.06 -2.00
C LEU A 247 2.78 -6.98 -1.85
N ARG A 248 3.97 -6.40 -1.65
CA ARG A 248 5.17 -7.21 -1.53
C ARG A 248 5.23 -7.92 -0.18
N THR A 249 4.48 -7.46 0.81
CA THR A 249 4.54 -8.03 2.15
C THR A 249 3.47 -9.09 2.39
N ILE A 250 2.52 -9.26 1.47
CA ILE A 250 1.37 -10.13 1.69
C ILE A 250 1.67 -11.53 1.17
N SER A 251 1.39 -12.54 1.99
CA SER A 251 1.52 -13.94 1.60
C SER A 251 0.26 -14.42 0.90
N VAL A 252 0.45 -15.34 -0.03
CA VAL A 252 -0.64 -15.81 -0.90
C VAL A 252 -0.92 -17.27 -0.55
N ILE A 253 -2.17 -17.55 -0.16
CA ILE A 253 -2.64 -18.93 0.04
C ILE A 253 -3.19 -19.40 -1.30
N LEU A 254 -2.40 -20.18 -2.03
CA LEU A 254 -2.78 -20.61 -3.36
C LEU A 254 -3.64 -21.87 -3.28
N PHE A 255 -4.81 -21.82 -3.91
CA PHE A 255 -5.72 -22.96 -4.01
C PHE A 255 -5.82 -23.38 -5.47
N LEU A 256 -5.22 -24.53 -5.80
CA LEU A 256 -5.33 -25.10 -7.14
C LEU A 256 -6.62 -25.93 -7.20
N ASN A 257 -7.71 -25.23 -7.47
CA ASN A 257 -9.05 -25.80 -7.40
C ASN A 257 -9.32 -26.72 -8.58
N LYS A 258 -10.37 -27.54 -8.43
CA LYS A 258 -10.86 -28.44 -9.47
C LYS A 258 -9.81 -29.48 -9.87
N GLN A 259 -9.33 -30.24 -8.89
CA GLN A 259 -8.35 -31.28 -9.16
C GLN A 259 -8.98 -32.50 -9.82
N ASP A 260 -10.25 -32.78 -9.53
CA ASP A 260 -10.91 -33.93 -10.14
C ASP A 260 -11.10 -33.75 -11.64
N LEU A 261 -11.35 -32.53 -12.09
CA LEU A 261 -11.47 -32.27 -13.53
C LEU A 261 -10.11 -32.33 -14.22
N LEU A 262 -9.05 -31.96 -13.51
CA LEU A 262 -7.70 -32.11 -14.06
C LEU A 262 -7.36 -33.59 -14.27
N ALA A 263 -7.71 -34.44 -13.30
CA ALA A 263 -7.44 -35.86 -13.43
C ALA A 263 -8.26 -36.47 -14.57
N GLU A 264 -9.50 -36.02 -14.76
CA GLU A 264 -10.30 -36.50 -15.88
C GLU A 264 -9.69 -36.10 -17.21
N LYS A 265 -9.20 -34.86 -17.31
CA LYS A 265 -8.67 -34.37 -18.58
C LYS A 265 -7.33 -35.04 -18.91
N VAL A 266 -6.50 -35.31 -17.90
CA VAL A 266 -5.21 -35.94 -18.14
C VAL A 266 -5.41 -37.39 -18.58
N LEU A 267 -6.27 -38.13 -17.88
CA LEU A 267 -6.47 -39.53 -18.20
C LEU A 267 -7.22 -39.71 -19.53
N ALA A 268 -8.09 -38.76 -19.87
CA ALA A 268 -8.81 -38.87 -21.14
C ALA A 268 -7.87 -38.74 -22.32
N GLY A 269 -6.80 -37.96 -22.17
CA GLY A 269 -5.85 -37.77 -23.25
C GLY A 269 -6.33 -36.88 -24.37
N LYS A 270 -7.29 -35.99 -24.08
CA LYS A 270 -7.79 -35.08 -25.11
C LYS A 270 -6.89 -33.86 -25.26
N SER A 271 -6.58 -33.19 -24.15
CA SER A 271 -5.75 -32.00 -24.15
C SER A 271 -4.40 -32.31 -23.51
N LYS A 272 -3.36 -31.63 -23.99
CA LYS A 272 -2.00 -31.86 -23.53
C LYS A 272 -1.38 -30.57 -23.02
N ILE A 273 -0.56 -30.70 -21.99
CA ILE A 273 0.15 -29.54 -21.43
C ILE A 273 1.18 -29.01 -22.41
N GLU A 274 1.84 -29.91 -23.15
CA GLU A 274 2.98 -29.51 -23.98
C GLU A 274 2.60 -28.46 -25.02
N ASP A 275 1.35 -28.48 -25.50
CA ASP A 275 0.91 -27.46 -26.45
C ASP A 275 0.92 -26.07 -25.81
N TYR A 276 0.49 -25.98 -24.55
CA TYR A 276 0.41 -24.72 -23.85
C TYR A 276 1.60 -24.44 -22.94
N PHE A 277 2.37 -25.47 -22.59
CA PHE A 277 3.56 -25.33 -21.76
C PHE A 277 4.62 -26.27 -22.29
N PRO A 278 5.43 -25.82 -23.26
CA PRO A 278 6.42 -26.71 -23.88
C PRO A 278 7.43 -27.29 -22.90
N GLU A 279 7.72 -26.60 -21.80
CA GLU A 279 8.69 -27.10 -20.83
C GLU A 279 8.19 -28.30 -20.05
N PHE A 280 6.91 -28.66 -20.19
CA PHE A 280 6.38 -29.83 -19.47
C PHE A 280 7.03 -31.12 -19.97
N ALA A 281 7.36 -31.18 -21.27
CA ALA A 281 7.91 -32.41 -21.84
C ALA A 281 9.22 -32.81 -21.17
N ARG A 282 9.95 -31.87 -20.61
CA ARG A 282 11.22 -32.14 -19.93
C ARG A 282 11.11 -31.92 -18.42
N TYR A 283 9.95 -32.25 -17.85
CA TYR A 283 9.69 -32.02 -16.43
C TYR A 283 9.64 -33.35 -15.70
N THR A 284 10.44 -33.48 -14.65
CA THR A 284 10.46 -34.66 -13.80
C THR A 284 9.71 -34.37 -12.50
N THR A 285 8.95 -35.35 -12.03
CA THR A 285 8.18 -35.18 -10.80
C THR A 285 9.11 -34.96 -9.62
N PRO A 286 8.80 -34.01 -8.73
CA PRO A 286 9.65 -33.80 -7.56
C PRO A 286 9.66 -35.00 -6.64
N GLU A 287 10.79 -35.17 -5.93
CA GLU A 287 10.97 -36.33 -5.07
C GLU A 287 10.05 -36.29 -3.86
N ASP A 288 9.77 -35.10 -3.33
CA ASP A 288 8.98 -34.94 -2.11
C ASP A 288 7.48 -35.07 -2.35
N ALA A 289 7.04 -35.39 -3.57
CA ALA A 289 5.62 -35.49 -3.86
C ALA A 289 4.96 -36.55 -2.99
N THR A 290 3.76 -36.24 -2.50
CA THR A 290 2.98 -37.13 -1.64
C THR A 290 1.59 -37.28 -2.26
N PRO A 291 1.45 -38.17 -3.24
CA PRO A 291 0.16 -38.31 -3.91
C PRO A 291 -0.90 -38.92 -3.01
N GLU A 292 -2.15 -38.72 -3.40
CA GLU A 292 -3.28 -39.32 -2.70
C GLU A 292 -3.28 -40.83 -2.94
N PRO A 293 -3.98 -41.59 -2.09
CA PRO A 293 -4.00 -43.05 -2.29
C PRO A 293 -4.75 -43.41 -3.57
N GLY A 294 -3.99 -43.75 -4.60
CA GLY A 294 -4.52 -44.06 -5.91
C GLY A 294 -4.48 -42.86 -6.82
N GLU A 295 -3.46 -42.80 -7.68
CA GLU A 295 -3.28 -41.72 -8.64
C GLU A 295 -2.32 -42.19 -9.72
N ASP A 296 -2.68 -41.95 -10.97
CA ASP A 296 -1.79 -42.30 -12.07
C ASP A 296 -0.53 -41.43 -11.98
N PRO A 297 0.65 -42.02 -12.18
CA PRO A 297 1.87 -41.20 -12.18
C PRO A 297 1.85 -40.10 -13.22
N ARG A 298 1.17 -40.34 -14.35
CA ARG A 298 1.01 -39.30 -15.36
C ARG A 298 0.17 -38.14 -14.82
N VAL A 299 -0.86 -38.46 -14.03
CA VAL A 299 -1.69 -37.41 -13.42
C VAL A 299 -0.88 -36.61 -12.41
N THR A 300 -0.10 -37.30 -11.57
CA THR A 300 0.68 -36.61 -10.55
C THR A 300 1.72 -35.68 -11.17
N ARG A 301 2.30 -36.08 -12.30
CA ARG A 301 3.28 -35.23 -12.98
C ARG A 301 2.66 -33.91 -13.41
N ALA A 302 1.47 -33.97 -14.02
CA ALA A 302 0.81 -32.74 -14.45
C ALA A 302 0.35 -31.91 -13.26
N LYS A 303 -0.12 -32.58 -12.19
CA LYS A 303 -0.58 -31.87 -11.01
C LYS A 303 0.53 -31.06 -10.36
N TYR A 304 1.72 -31.65 -10.22
CA TYR A 304 2.83 -30.97 -9.59
C TYR A 304 3.57 -30.02 -10.53
N PHE A 305 3.34 -30.10 -11.83
CA PHE A 305 3.92 -29.13 -12.74
C PHE A 305 3.21 -27.78 -12.64
N ILE A 306 1.88 -27.81 -12.54
CA ILE A 306 1.12 -26.57 -12.38
C ILE A 306 1.50 -25.87 -11.08
N ARG A 307 1.66 -26.63 -10.00
CA ARG A 307 2.11 -26.07 -8.74
C ARG A 307 3.49 -25.45 -8.87
N ASP A 308 4.39 -26.12 -9.60
CA ASP A 308 5.75 -25.63 -9.75
C ASP A 308 5.79 -24.33 -10.55
N GLU A 309 4.84 -24.13 -11.47
CA GLU A 309 4.80 -22.90 -12.24
C GLU A 309 4.51 -21.70 -11.35
N PHE A 310 3.61 -21.86 -10.40
CA PHE A 310 3.30 -20.76 -9.48
C PHE A 310 4.42 -20.54 -8.48
N LEU A 311 5.02 -21.63 -7.99
CA LEU A 311 6.09 -21.50 -7.01
C LEU A 311 7.38 -20.97 -7.63
N ARG A 312 7.53 -21.08 -8.94
CA ARG A 312 8.69 -20.48 -9.61
C ARG A 312 8.65 -18.96 -9.48
N ILE A 313 7.47 -18.36 -9.60
CA ILE A 313 7.35 -16.91 -9.46
C ILE A 313 7.60 -16.48 -8.02
N SER A 314 7.13 -17.26 -7.05
CA SER A 314 7.28 -16.88 -5.65
C SER A 314 8.73 -16.82 -5.23
N THR A 315 9.54 -17.80 -5.64
CA THR A 315 10.93 -17.85 -5.19
C THR A 315 11.82 -16.83 -5.92
N ALA A 316 11.36 -16.29 -7.04
CA ALA A 316 12.19 -15.36 -7.82
C ALA A 316 12.32 -14.00 -7.16
N SER A 317 11.48 -13.66 -6.19
CA SER A 317 11.54 -12.35 -5.54
C SER A 317 10.90 -12.46 -4.16
N GLY A 318 11.14 -11.44 -3.34
CA GLY A 318 10.59 -11.41 -2.00
C GLY A 318 11.25 -12.43 -1.09
N ASP A 319 12.56 -12.31 -0.90
CA ASP A 319 13.32 -13.28 -0.12
C ASP A 319 13.01 -13.10 1.36
N GLY A 320 12.16 -13.97 1.89
CA GLY A 320 11.85 -14.00 3.30
C GLY A 320 10.81 -13.00 3.75
N ARG A 321 10.28 -12.17 2.85
CA ARG A 321 9.30 -11.17 3.22
C ARG A 321 7.87 -11.68 3.11
N HIS A 322 7.60 -12.63 2.22
CA HIS A 322 6.28 -13.19 2.04
C HIS A 322 6.40 -14.48 1.24
N TYR A 323 5.53 -15.44 1.54
CA TYR A 323 5.62 -16.77 0.98
C TYR A 323 4.30 -17.17 0.34
N CYS A 324 4.29 -18.35 -0.28
CA CYS A 324 3.12 -18.90 -0.94
C CYS A 324 2.81 -20.27 -0.34
N TYR A 325 1.51 -20.55 -0.17
CA TYR A 325 1.03 -21.80 0.41
C TYR A 325 0.13 -22.49 -0.60
N PRO A 326 0.68 -23.32 -1.48
CA PRO A 326 -0.16 -24.00 -2.48
C PRO A 326 -0.91 -25.18 -1.89
N HIS A 327 -2.12 -25.40 -2.39
CA HIS A 327 -2.97 -26.51 -1.95
C HIS A 327 -3.74 -27.05 -3.14
N PHE A 328 -3.90 -28.38 -3.16
CA PHE A 328 -4.75 -29.05 -4.15
C PHE A 328 -6.13 -29.25 -3.53
N THR A 329 -7.15 -28.74 -4.19
CA THR A 329 -8.51 -28.79 -3.65
C THR A 329 -9.48 -29.25 -4.72
N CYS A 330 -10.61 -29.79 -4.28
CA CYS A 330 -11.71 -30.19 -5.15
C CYS A 330 -12.97 -29.50 -4.68
N ALA A 331 -14.05 -29.69 -5.46
CA ALA A 331 -15.33 -29.13 -5.08
C ALA A 331 -15.96 -29.84 -3.88
N VAL A 332 -15.40 -30.98 -3.47
CA VAL A 332 -15.93 -31.76 -2.37
C VAL A 332 -14.96 -31.82 -1.20
N ASP A 333 -13.93 -30.97 -1.18
CA ASP A 333 -13.02 -30.91 -0.05
C ASP A 333 -13.78 -30.36 1.15
N THR A 334 -14.02 -31.20 2.15
CA THR A 334 -15.02 -30.89 3.15
C THR A 334 -14.59 -29.75 4.07
N GLU A 335 -13.35 -29.77 4.59
CA GLU A 335 -12.97 -28.69 5.50
C GLU A 335 -12.51 -27.44 4.74
N ASN A 336 -11.36 -27.53 4.06
CA ASN A 336 -10.82 -26.46 3.22
C ASN A 336 -10.61 -25.15 3.98
N ALA A 337 -10.92 -25.14 5.28
CA ALA A 337 -10.77 -23.97 6.13
C ALA A 337 -9.69 -24.13 7.19
N ARG A 338 -9.43 -25.37 7.62
CA ARG A 338 -8.30 -25.62 8.50
C ARG A 338 -7.00 -25.29 7.78
N ARG A 339 -6.94 -25.51 6.47
CA ARG A 339 -5.77 -25.15 5.69
C ARG A 339 -5.53 -23.65 5.71
N ILE A 340 -6.59 -22.86 5.60
CA ILE A 340 -6.47 -21.41 5.74
C ILE A 340 -6.10 -21.06 7.18
N PHE A 341 -6.72 -21.73 8.14
CA PHE A 341 -6.41 -21.49 9.55
C PHE A 341 -4.95 -21.81 9.86
N ASN A 342 -4.45 -22.93 9.34
CA ASN A 342 -3.05 -23.29 9.57
C ASN A 342 -2.10 -22.36 8.83
N ASP A 343 -2.49 -21.92 7.63
CA ASP A 343 -1.63 -21.02 6.86
C ASP A 343 -1.57 -19.64 7.50
N CYS A 344 -2.71 -19.12 7.94
CA CYS A 344 -2.73 -17.83 8.63
C CYS A 344 -1.95 -17.90 9.93
N ARG A 345 -2.02 -19.02 10.64
CA ARG A 345 -1.20 -19.20 11.85
C ARG A 345 0.28 -19.15 11.51
N ASP A 346 0.68 -19.81 10.42
CA ASP A 346 2.09 -19.79 10.05
C ASP A 346 2.53 -18.42 9.55
N ILE A 347 1.62 -17.66 8.94
CA ILE A 347 1.95 -16.31 8.49
C ILE A 347 2.25 -15.40 9.67
N ILE A 348 1.40 -15.46 10.71
CA ILE A 348 1.60 -14.63 11.89
C ILE A 348 2.87 -15.05 12.63
N GLN A 349 3.14 -16.35 12.70
CA GLN A 349 4.33 -16.83 13.38
C GLN A 349 5.60 -16.36 12.69
N ARG A 350 5.64 -16.45 11.36
CA ARG A 350 6.79 -15.95 10.62
C ARG A 350 6.92 -14.43 10.75
N MET A 351 5.79 -13.73 10.81
CA MET A 351 5.83 -12.28 10.97
C MET A 351 6.45 -11.89 12.30
N HIS A 352 6.13 -12.62 13.37
CA HIS A 352 6.75 -12.35 14.67
C HIS A 352 8.24 -12.65 14.64
N LEU A 353 8.62 -13.76 14.01
CA LEU A 353 10.04 -14.14 13.94
C LEU A 353 10.83 -13.13 13.12
N ARG A 354 10.21 -12.55 12.08
CA ARG A 354 10.89 -11.54 11.28
C ARG A 354 11.19 -10.29 12.09
N GLN A 355 10.29 -9.90 12.99
CA GLN A 355 10.54 -8.74 13.85
C GLN A 355 11.75 -8.98 14.75
N TYR A 356 11.96 -10.21 15.17
CA TYR A 356 13.15 -10.58 15.93
C TYR A 356 14.36 -10.86 15.05
N GLU A 357 14.19 -10.79 13.73
CA GLU A 357 15.24 -11.13 12.77
C GLU A 357 15.80 -12.53 13.03
N LEU A 358 14.92 -13.44 13.41
CA LEU A 358 15.29 -14.82 13.69
C LEU A 358 14.97 -15.76 12.54
N LEU A 359 14.39 -15.25 11.46
CA LEU A 359 14.03 -16.08 10.32
C LEU A 359 14.02 -15.25 9.04
N GLN B 12 -15.72 -0.86 -41.88
CA GLN B 12 -14.31 -0.50 -41.94
C GLN B 12 -14.05 0.56 -43.00
N SER B 13 -14.77 0.44 -44.13
CA SER B 13 -14.61 1.42 -45.20
C SER B 13 -15.06 2.80 -44.73
N GLU B 14 -16.18 2.88 -44.02
CA GLU B 14 -16.65 4.14 -43.46
C GLU B 14 -16.09 4.43 -42.08
N LEU B 15 -15.83 3.39 -41.29
CA LEU B 15 -15.23 3.58 -39.97
C LEU B 15 -13.82 4.13 -40.04
N ASP B 16 -13.13 3.94 -41.16
CA ASP B 16 -11.83 4.57 -41.36
C ASP B 16 -11.97 6.08 -41.36
N GLN B 17 -13.04 6.60 -41.97
CA GLN B 17 -13.26 8.05 -41.99
C GLN B 17 -13.48 8.60 -40.59
N LEU B 18 -14.21 7.84 -39.75
CA LEU B 18 -14.46 8.30 -38.38
C LEU B 18 -13.17 8.44 -37.60
N ARG B 19 -12.24 7.51 -37.78
CA ARG B 19 -10.93 7.64 -37.15
C ARG B 19 -10.18 8.86 -37.70
N GLN B 20 -10.26 9.07 -39.01
CA GLN B 20 -9.56 10.21 -39.62
C GLN B 20 -10.23 11.53 -39.22
N GLU B 21 -11.56 11.55 -39.16
CA GLU B 21 -12.25 12.78 -38.77
C GLU B 21 -11.85 13.22 -37.37
N ALA B 22 -11.75 12.27 -36.44
CA ALA B 22 -11.30 12.59 -35.09
C ALA B 22 -9.84 12.99 -35.08
N GLU B 23 -9.01 12.33 -35.89
CA GLU B 23 -7.57 12.61 -35.87
C GLU B 23 -7.26 13.97 -36.47
N GLN B 24 -7.85 14.30 -37.62
CA GLN B 24 -7.55 15.58 -38.25
C GLN B 24 -8.12 16.75 -37.45
N LEU B 25 -9.29 16.55 -36.83
CA LEU B 25 -9.85 17.61 -35.99
C LEU B 25 -9.05 17.76 -34.71
N LYS B 26 -8.53 16.66 -34.16
CA LYS B 26 -7.63 16.75 -33.02
C LYS B 26 -6.32 17.40 -33.43
N ASN B 27 -5.88 17.19 -34.66
CA ASN B 27 -4.64 17.81 -35.14
C ASN B 27 -4.78 19.31 -35.25
N GLN B 28 -5.90 19.80 -35.78
CA GLN B 28 -6.08 21.24 -35.93
C GLN B 28 -6.26 21.96 -34.61
N ILE B 29 -6.64 21.24 -33.56
CA ILE B 29 -6.72 21.84 -32.23
C ILE B 29 -5.32 22.18 -31.72
N ARG B 30 -4.33 21.32 -32.01
CA ARG B 30 -2.99 21.52 -31.50
C ARG B 30 -2.35 22.81 -32.05
N ASP B 31 -2.55 23.09 -33.33
CA ASP B 31 -1.97 24.31 -33.88
C ASP B 31 -2.62 25.56 -33.30
N ALA B 32 -3.91 25.48 -32.95
CA ALA B 32 -4.55 26.58 -32.26
C ALA B 32 -3.92 26.81 -30.88
N ARG B 33 -3.64 25.74 -30.16
CA ARG B 33 -2.96 25.87 -28.87
C ARG B 33 -1.51 26.31 -29.06
N LYS B 34 -0.87 25.89 -30.15
CA LYS B 34 0.51 26.29 -30.39
C LYS B 34 0.62 27.78 -30.70
N ALA B 35 -0.41 28.36 -31.33
CA ALA B 35 -0.38 29.78 -31.62
C ALA B 35 -0.43 30.62 -30.35
N CYS B 36 -1.23 30.19 -29.37
CA CYS B 36 -1.34 30.95 -28.12
C CYS B 36 -0.06 30.89 -27.32
N ALA B 37 0.69 29.79 -27.42
CA ALA B 37 1.92 29.61 -26.65
C ALA B 37 3.02 30.48 -27.25
N ASP B 38 2.94 31.78 -26.95
CA ASP B 38 4.00 32.70 -27.38
C ASP B 38 5.14 32.72 -26.37
N ALA B 39 4.82 32.79 -25.08
CA ALA B 39 5.78 32.73 -24.00
C ALA B 39 5.46 31.55 -23.09
N THR B 40 6.35 31.30 -22.13
CA THR B 40 6.17 30.25 -21.14
C THR B 40 6.12 30.86 -19.75
N LEU B 41 5.47 30.14 -18.83
CA LEU B 41 5.30 30.65 -17.47
C LEU B 41 6.63 30.95 -16.80
N SER B 42 7.69 30.22 -17.16
CA SER B 42 9.01 30.49 -16.61
C SER B 42 9.55 31.84 -17.07
N GLN B 43 9.22 32.25 -18.30
CA GLN B 43 9.75 33.51 -18.81
C GLN B 43 9.14 34.71 -18.10
N ILE B 44 7.83 34.69 -17.85
CA ILE B 44 7.20 35.81 -17.18
C ILE B 44 7.59 35.89 -15.72
N THR B 45 7.71 34.75 -15.03
CA THR B 45 7.95 34.73 -13.60
C THR B 45 9.42 34.60 -13.24
N ASN B 46 10.33 34.74 -14.20
CA ASN B 46 11.75 34.65 -13.87
C ASN B 46 12.24 35.90 -13.13
N ASN B 47 11.63 37.06 -13.41
CA ASN B 47 12.09 38.30 -12.79
C ASN B 47 11.77 38.35 -11.30
N ILE B 48 10.61 37.83 -10.90
CA ILE B 48 10.19 37.94 -9.51
C ILE B 48 11.10 37.10 -8.61
N ASP B 49 11.33 37.59 -7.40
CA ASP B 49 12.22 36.92 -6.47
C ASP B 49 11.57 35.63 -5.95
N PRO B 50 12.37 34.61 -5.65
CA PRO B 50 11.81 33.35 -5.17
C PRO B 50 11.34 33.46 -3.73
N VAL B 51 10.45 32.52 -3.37
CA VAL B 51 9.92 32.48 -2.01
C VAL B 51 11.02 32.15 -1.01
N GLY B 52 12.01 31.37 -1.45
CA GLY B 52 13.09 30.98 -0.57
C GLY B 52 12.85 29.67 0.14
N ARG B 53 13.34 29.55 1.36
CA ARG B 53 13.16 28.33 2.13
C ARG B 53 11.84 28.36 2.87
N ILE B 54 11.09 27.26 2.79
CA ILE B 54 9.84 27.08 3.51
C ILE B 54 10.03 25.95 4.51
N GLN B 55 9.79 26.23 5.79
CA GLN B 55 10.05 25.28 6.87
C GLN B 55 8.84 25.27 7.80
N MET B 56 7.89 24.37 7.51
CA MET B 56 6.73 24.18 8.37
C MET B 56 7.03 23.15 9.45
N ARG B 57 6.33 23.26 10.57
CA ARG B 57 6.52 22.37 11.70
C ARG B 57 5.21 21.69 12.05
N THR B 58 5.32 20.44 12.53
CA THR B 58 4.14 19.67 12.91
C THR B 58 3.52 20.26 14.17
N ARG B 59 2.45 21.03 14.01
CA ARG B 59 1.79 21.64 15.16
C ARG B 59 1.02 20.60 15.98
N ARG B 60 0.28 19.72 15.30
CA ARG B 60 -0.46 18.66 15.96
C ARG B 60 -0.25 17.35 15.20
N THR B 61 -0.40 16.25 15.93
CA THR B 61 -0.44 14.92 15.33
C THR B 61 -1.67 14.20 15.91
N LEU B 62 -2.62 13.89 15.05
CA LEU B 62 -3.88 13.31 15.49
C LEU B 62 -3.78 11.79 15.48
N ARG B 63 -4.06 11.17 16.63
CA ARG B 63 -3.96 9.73 16.80
C ARG B 63 -5.30 9.17 17.26
N GLY B 64 -5.60 7.96 16.82
CA GLY B 64 -6.87 7.34 17.15
C GLY B 64 -7.42 6.45 16.06
N HIS B 65 -6.89 6.56 14.85
CA HIS B 65 -7.28 5.68 13.77
C HIS B 65 -6.52 4.36 13.86
N LEU B 66 -7.23 3.27 13.61
CA LEU B 66 -6.66 1.92 13.73
C LEU B 66 -5.89 1.54 12.47
N ALA B 67 -6.53 1.63 11.31
CA ALA B 67 -5.89 1.29 10.04
C ALA B 67 -5.44 2.57 9.34
N LYS B 68 -4.93 2.41 8.12
CA LYS B 68 -4.41 3.53 7.36
C LYS B 68 -5.49 4.57 7.10
N ILE B 69 -5.13 5.84 7.27
CA ILE B 69 -6.01 6.95 6.89
C ILE B 69 -5.89 7.16 5.39
N TYR B 70 -7.02 7.09 4.69
CA TYR B 70 -6.96 7.06 3.23
C TYR B 70 -7.40 8.37 2.60
N ALA B 71 -8.25 9.15 3.29
CA ALA B 71 -8.70 10.44 2.80
C ALA B 71 -9.05 11.34 3.96
N MET B 72 -9.09 12.65 3.70
CA MET B 72 -9.50 13.63 4.71
C MET B 72 -10.08 14.85 4.02
N HIS B 73 -10.76 15.69 4.80
CA HIS B 73 -11.33 16.93 4.29
C HIS B 73 -11.48 17.92 5.43
N TRP B 74 -11.08 19.17 5.18
CA TRP B 74 -11.25 20.26 6.14
C TRP B 74 -12.67 20.78 6.13
N GLY B 75 -13.00 21.54 7.18
CA GLY B 75 -14.25 22.26 7.24
C GLY B 75 -14.08 23.71 6.83
N THR B 76 -15.22 24.37 6.61
CA THR B 76 -15.17 25.78 6.22
C THR B 76 -14.71 26.67 7.38
N ASP B 77 -15.00 26.27 8.62
CA ASP B 77 -14.51 27.00 9.78
C ASP B 77 -13.00 26.85 9.98
N SER B 78 -12.35 25.96 9.24
CA SER B 78 -10.91 25.73 9.30
C SER B 78 -10.48 25.19 10.66
N ARG B 79 -11.40 24.57 11.38
CA ARG B 79 -11.10 23.96 12.68
C ARG B 79 -11.38 22.48 12.71
N LEU B 80 -12.54 22.04 12.23
CA LEU B 80 -12.91 20.63 12.27
C LEU B 80 -12.44 19.91 11.02
N LEU B 81 -12.13 18.62 11.18
CA LEU B 81 -11.71 17.76 10.09
C LEU B 81 -12.58 16.52 10.07
N VAL B 82 -12.63 15.85 8.92
CA VAL B 82 -13.13 14.49 8.82
C VAL B 82 -12.04 13.65 8.17
N SER B 83 -11.85 12.45 8.70
CA SER B 83 -10.82 11.55 8.17
C SER B 83 -11.40 10.16 8.04
N ALA B 84 -11.12 9.51 6.91
CA ALA B 84 -11.59 8.16 6.63
C ALA B 84 -10.42 7.20 6.69
N SER B 85 -10.61 6.06 7.37
CA SER B 85 -9.59 5.04 7.47
C SER B 85 -10.16 3.71 7.04
N GLN B 86 -9.28 2.83 6.56
CA GLN B 86 -9.70 1.53 6.04
C GLN B 86 -9.91 0.56 7.19
N ASP B 87 -10.66 0.97 8.21
CA ASP B 87 -11.10 0.09 9.28
C ASP B 87 -12.56 0.27 9.65
N GLY B 88 -13.25 1.25 9.08
CA GLY B 88 -14.65 1.46 9.35
C GLY B 88 -14.99 2.68 10.18
N LYS B 89 -14.05 3.59 10.40
CA LYS B 89 -14.28 4.76 11.23
C LYS B 89 -14.19 6.04 10.41
N LEU B 90 -15.05 7.00 10.76
CA LEU B 90 -15.08 8.33 10.15
C LEU B 90 -15.02 9.33 11.31
N ILE B 91 -13.81 9.68 11.73
CA ILE B 91 -13.59 10.49 12.92
C ILE B 91 -13.59 11.97 12.53
N ILE B 92 -14.38 12.76 13.24
CA ILE B 92 -14.37 14.21 13.09
C ILE B 92 -13.50 14.79 14.20
N TRP B 93 -12.40 15.42 13.82
CA TRP B 93 -11.42 15.93 14.75
C TRP B 93 -11.66 17.40 15.07
N ASP B 94 -10.84 17.93 15.98
CA ASP B 94 -10.81 19.35 16.30
C ASP B 94 -9.34 19.76 16.34
N SER B 95 -8.93 20.59 15.38
CA SER B 95 -7.51 20.92 15.25
C SER B 95 -6.98 21.65 16.47
N TYR B 96 -7.75 22.61 16.99
CA TYR B 96 -7.25 23.47 18.06
C TYR B 96 -6.98 22.68 19.34
N THR B 97 -7.86 21.75 19.69
CA THR B 97 -7.76 21.04 20.96
C THR B 97 -7.43 19.56 20.80
N THR B 98 -7.30 19.06 19.57
CA THR B 98 -6.91 17.68 19.27
C THR B 98 -8.02 16.71 19.67
N ASN B 99 -9.08 17.22 20.28
CA ASN B 99 -10.17 16.37 20.73
C ASN B 99 -10.93 15.77 19.53
N LYS B 100 -11.53 14.61 19.78
CA LYS B 100 -12.37 13.96 18.77
C LYS B 100 -13.83 14.33 19.03
N VAL B 101 -14.47 14.91 18.03
CA VAL B 101 -15.87 15.33 18.18
C VAL B 101 -16.82 14.16 17.95
N HIS B 102 -16.59 13.38 16.89
CA HIS B 102 -17.48 12.29 16.53
C HIS B 102 -16.66 11.11 16.01
N ALA B 103 -17.24 9.92 16.11
CA ALA B 103 -16.64 8.70 15.57
C ALA B 103 -17.76 7.88 14.95
N ILE B 104 -17.80 7.83 13.63
CA ILE B 104 -18.91 7.21 12.90
C ILE B 104 -18.45 5.83 12.44
N PRO B 105 -19.10 4.75 12.87
CA PRO B 105 -18.79 3.42 12.34
C PRO B 105 -19.50 3.20 11.02
N LEU B 106 -18.74 2.79 10.00
CA LEU B 106 -19.28 2.64 8.66
C LEU B 106 -19.72 1.19 8.42
N ARG B 107 -20.61 1.04 7.43
CA ARG B 107 -21.04 -0.30 7.03
C ARG B 107 -19.92 -1.08 6.36
N SER B 108 -19.25 -0.45 5.40
CA SER B 108 -18.12 -1.05 4.71
C SER B 108 -16.83 -0.42 5.20
N SER B 109 -15.86 -1.25 5.59
CA SER B 109 -14.60 -0.74 6.12
C SER B 109 -13.72 -0.15 5.03
N TRP B 110 -13.93 -0.54 3.77
CA TRP B 110 -13.08 -0.09 2.67
C TRP B 110 -13.61 1.23 2.11
N VAL B 111 -13.51 2.26 2.94
CA VAL B 111 -13.95 3.60 2.57
C VAL B 111 -12.80 4.31 1.87
N MET B 112 -13.08 4.84 0.68
CA MET B 112 -12.03 5.45 -0.13
C MET B 112 -12.14 6.97 -0.24
N THR B 113 -13.18 7.58 0.32
CA THR B 113 -13.32 9.03 0.23
C THR B 113 -14.14 9.53 1.41
N CYS B 114 -14.04 10.83 1.65
CA CYS B 114 -14.86 11.49 2.66
C CYS B 114 -14.97 12.97 2.30
N ALA B 115 -16.10 13.57 2.68
CA ALA B 115 -16.35 14.97 2.40
C ALA B 115 -17.10 15.57 3.58
N TYR B 116 -16.86 16.85 3.83
CA TYR B 116 -17.51 17.58 4.89
C TYR B 116 -18.32 18.71 4.27
N ALA B 117 -19.58 18.83 4.66
CA ALA B 117 -20.47 19.77 4.01
C ALA B 117 -20.04 21.22 4.32
N PRO B 118 -20.24 22.14 3.36
CA PRO B 118 -19.91 23.54 3.63
C PRO B 118 -20.67 24.12 4.82
N SER B 119 -21.93 23.70 5.00
CA SER B 119 -22.69 24.15 6.16
C SER B 119 -22.19 23.52 7.45
N GLY B 120 -21.45 22.42 7.36
CA GLY B 120 -21.00 21.73 8.54
C GLY B 120 -22.04 20.84 9.18
N ASN B 121 -22.99 20.35 8.39
CA ASN B 121 -24.11 19.57 8.91
C ASN B 121 -24.04 18.11 8.50
N TYR B 122 -23.62 17.82 7.27
CA TYR B 122 -23.52 16.46 6.77
C TYR B 122 -22.08 16.10 6.45
N VAL B 123 -21.82 14.80 6.43
CA VAL B 123 -20.52 14.25 6.07
C VAL B 123 -20.75 13.06 5.15
N ALA B 124 -20.02 13.00 4.04
CA ALA B 124 -20.14 11.92 3.08
C ALA B 124 -18.92 11.01 3.15
N CYS B 125 -19.10 9.77 2.71
CA CYS B 125 -18.01 8.82 2.62
C CYS B 125 -18.43 7.68 1.71
N GLY B 126 -17.43 6.97 1.17
CA GLY B 126 -17.72 5.84 0.31
C GLY B 126 -16.45 5.13 -0.11
N GLY B 127 -16.64 4.00 -0.78
CA GLY B 127 -15.55 3.16 -1.19
C GLY B 127 -15.97 2.04 -2.10
N LEU B 128 -15.46 0.82 -1.82
CA LEU B 128 -15.79 -0.34 -2.63
C LEU B 128 -17.25 -0.79 -2.49
N ASP B 129 -17.98 -0.27 -1.51
CA ASP B 129 -19.40 -0.57 -1.38
C ASP B 129 -20.24 0.13 -2.45
N ASN B 130 -19.65 1.09 -3.17
CA ASN B 130 -20.26 1.79 -4.29
C ASN B 130 -21.34 2.78 -3.84
N ILE B 131 -21.20 3.36 -2.65
CA ILE B 131 -22.22 4.23 -2.08
C ILE B 131 -21.55 5.43 -1.42
N CYS B 132 -21.95 6.64 -1.82
CA CYS B 132 -21.57 7.85 -1.08
C CYS B 132 -22.64 8.10 -0.02
N SER B 133 -22.44 7.46 1.14
CA SER B 133 -23.39 7.55 2.23
C SER B 133 -23.32 8.93 2.88
N ILE B 134 -24.49 9.52 3.12
CA ILE B 134 -24.59 10.83 3.76
C ILE B 134 -24.90 10.61 5.23
N TYR B 135 -24.16 11.30 6.09
CA TYR B 135 -24.33 11.21 7.54
C TYR B 135 -24.79 12.54 8.10
N ASN B 136 -25.83 12.52 8.92
CA ASN B 136 -26.36 13.72 9.53
C ASN B 136 -25.70 13.93 10.88
N LEU B 137 -24.93 15.02 11.01
CA LEU B 137 -24.26 15.31 12.27
C LEU B 137 -25.19 16.04 13.23
N LYS B 138 -25.93 17.03 12.74
CA LYS B 138 -26.80 17.85 13.59
C LYS B 138 -28.23 17.33 13.50
N THR B 139 -28.47 16.22 14.20
CA THR B 139 -29.80 15.63 14.29
C THR B 139 -30.46 16.05 15.60
N ARG B 140 -31.74 15.69 15.73
CA ARG B 140 -32.49 16.10 16.91
C ARG B 140 -32.01 15.39 18.17
N GLU B 141 -31.61 14.13 18.07
CA GLU B 141 -31.15 13.38 19.23
C GLU B 141 -29.67 13.56 19.51
N GLY B 142 -28.95 14.30 18.66
CA GLY B 142 -27.55 14.56 18.88
C GLY B 142 -26.61 13.50 18.34
N ASN B 143 -27.12 12.33 17.98
CA ASN B 143 -26.28 11.25 17.48
C ASN B 143 -25.90 11.48 16.02
N VAL B 144 -25.18 10.52 15.45
CA VAL B 144 -24.84 10.52 14.04
C VAL B 144 -25.37 9.24 13.43
N ARG B 145 -26.22 9.37 12.41
CA ARG B 145 -26.84 8.24 11.76
C ARG B 145 -26.78 8.43 10.25
N VAL B 146 -26.84 7.31 9.53
CA VAL B 146 -26.84 7.36 8.07
C VAL B 146 -28.08 8.12 7.61
N SER B 147 -27.87 9.26 6.95
CA SER B 147 -29.01 10.04 6.48
C SER B 147 -29.71 9.33 5.35
N ARG B 148 -29.03 9.18 4.21
CA ARG B 148 -29.54 8.40 3.09
C ARG B 148 -28.35 7.88 2.30
N GLU B 149 -28.54 6.73 1.65
CA GLU B 149 -27.48 6.10 0.87
C GLU B 149 -27.70 6.35 -0.62
N LEU B 150 -26.69 6.90 -1.29
CA LEU B 150 -26.78 7.23 -2.71
C LEU B 150 -26.15 6.10 -3.53
N ALA B 151 -26.98 5.13 -3.89
CA ALA B 151 -26.55 3.99 -4.70
C ALA B 151 -26.86 4.24 -6.17
N GLY B 152 -26.07 3.63 -7.04
CA GLY B 152 -26.25 3.79 -8.46
C GLY B 152 -24.97 3.78 -9.27
N HIS B 153 -23.83 3.79 -8.59
CA HIS B 153 -22.54 3.68 -9.25
C HIS B 153 -22.17 2.22 -9.46
N THR B 154 -21.64 1.90 -10.63
CA THR B 154 -21.23 0.53 -10.94
C THR B 154 -19.76 0.27 -10.66
N GLY B 155 -19.00 1.29 -10.25
CA GLY B 155 -17.61 1.11 -9.89
C GLY B 155 -17.32 1.79 -8.56
N TYR B 156 -16.15 1.51 -8.02
CA TYR B 156 -15.81 1.98 -6.68
C TYR B 156 -15.84 3.50 -6.61
N LEU B 157 -16.32 4.01 -5.49
CA LEU B 157 -16.41 5.45 -5.28
C LEU B 157 -15.03 6.00 -4.91
N SER B 158 -14.50 6.89 -5.73
CA SER B 158 -13.17 7.43 -5.50
C SER B 158 -13.17 8.82 -4.89
N CYS B 159 -14.19 9.63 -5.18
CA CYS B 159 -14.28 10.97 -4.61
C CYS B 159 -15.70 11.49 -4.76
N CYS B 160 -16.31 11.89 -3.64
CA CYS B 160 -17.58 12.59 -3.67
C CYS B 160 -17.48 13.84 -2.80
N ARG B 161 -17.89 14.98 -3.37
CA ARG B 161 -17.72 16.30 -2.77
C ARG B 161 -19.05 17.03 -2.72
N PHE B 162 -19.34 17.65 -1.58
CA PHE B 162 -20.60 18.36 -1.41
C PHE B 162 -20.61 19.62 -2.27
N LEU B 163 -21.50 19.66 -3.28
CA LEU B 163 -21.73 20.88 -4.02
C LEU B 163 -22.55 21.87 -3.21
N ASP B 164 -23.56 21.36 -2.50
CA ASP B 164 -24.44 22.18 -1.69
C ASP B 164 -24.93 21.32 -0.53
N ASP B 165 -25.81 21.88 0.30
CA ASP B 165 -26.38 21.11 1.40
C ASP B 165 -27.25 19.98 0.88
N ASN B 166 -27.77 20.09 -0.34
CA ASN B 166 -28.65 19.08 -0.91
C ASN B 166 -28.12 18.53 -2.23
N GLN B 167 -26.90 18.91 -2.65
CA GLN B 167 -26.31 18.42 -3.88
C GLN B 167 -24.89 17.95 -3.60
N ILE B 168 -24.48 16.88 -4.29
CA ILE B 168 -23.15 16.33 -4.14
C ILE B 168 -22.72 15.70 -5.46
N VAL B 169 -21.48 15.96 -5.87
CA VAL B 169 -20.89 15.38 -7.06
C VAL B 169 -19.98 14.24 -6.64
N THR B 170 -19.98 13.16 -7.41
CA THR B 170 -19.20 11.97 -7.09
C THR B 170 -18.36 11.56 -8.28
N SER B 171 -17.18 11.03 -7.99
CA SER B 171 -16.35 10.32 -8.95
C SER B 171 -16.36 8.84 -8.62
N SER B 172 -16.09 8.02 -9.64
CA SER B 172 -16.21 6.58 -9.44
C SER B 172 -15.24 5.86 -10.36
N GLY B 173 -15.00 4.59 -10.05
CA GLY B 173 -14.11 3.76 -10.83
C GLY B 173 -14.79 3.10 -12.00
N ASP B 174 -16.00 3.55 -12.31
CA ASP B 174 -16.72 3.12 -13.51
C ASP B 174 -16.59 4.13 -14.64
N THR B 175 -15.55 4.95 -14.62
CA THR B 175 -15.25 5.96 -15.63
C THR B 175 -16.33 7.02 -15.74
N THR B 176 -17.07 7.27 -14.68
CA THR B 176 -18.24 8.14 -14.74
C THR B 176 -18.36 8.97 -13.48
N CYS B 177 -18.59 10.27 -13.64
CA CYS B 177 -18.99 11.14 -12.55
C CYS B 177 -20.51 11.34 -12.58
N ALA B 178 -21.05 11.84 -11.46
CA ALA B 178 -22.50 12.01 -11.38
C ALA B 178 -22.84 13.07 -10.34
N LEU B 179 -23.82 13.91 -10.69
CA LEU B 179 -24.41 14.85 -9.74
C LEU B 179 -25.64 14.23 -9.10
N TRP B 180 -25.76 14.39 -7.79
CA TRP B 180 -26.81 13.73 -7.02
C TRP B 180 -27.71 14.73 -6.36
N ASP B 181 -28.95 14.31 -6.09
CA ASP B 181 -29.90 15.04 -5.28
C ASP B 181 -30.11 14.23 -4.01
N ILE B 182 -29.63 14.77 -2.88
CA ILE B 182 -29.63 14.01 -1.64
C ILE B 182 -31.05 13.76 -1.14
N GLU B 183 -31.97 14.69 -1.41
CA GLU B 183 -33.35 14.50 -0.96
C GLU B 183 -34.00 13.32 -1.68
N THR B 184 -33.94 13.30 -3.01
CA THR B 184 -34.53 12.20 -3.76
C THR B 184 -33.66 10.96 -3.74
N GLY B 185 -32.34 11.14 -3.85
CA GLY B 185 -31.44 10.00 -3.95
C GLY B 185 -31.17 9.52 -5.35
N GLN B 186 -31.42 10.35 -6.36
CA GLN B 186 -31.27 9.95 -7.75
C GLN B 186 -30.25 10.87 -8.43
N GLN B 187 -29.64 10.34 -9.49
CA GLN B 187 -28.67 11.12 -10.25
C GLN B 187 -29.40 12.14 -11.13
N THR B 188 -29.21 13.42 -10.83
CA THR B 188 -29.79 14.46 -11.67
C THR B 188 -29.02 14.61 -12.98
N THR B 189 -27.69 14.60 -12.89
CA THR B 189 -26.83 14.73 -14.06
C THR B 189 -25.75 13.66 -14.02
N THR B 190 -25.46 13.08 -15.17
CA THR B 190 -24.40 12.09 -15.33
C THR B 190 -23.30 12.66 -16.21
N PHE B 191 -22.05 12.43 -15.81
CA PHE B 191 -20.88 12.99 -16.49
C PHE B 191 -20.07 11.84 -17.07
N THR B 192 -20.21 11.62 -18.37
CA THR B 192 -19.54 10.52 -19.06
C THR B 192 -18.52 11.09 -20.05
N GLY B 193 -17.50 10.30 -20.34
CA GLY B 193 -16.46 10.72 -21.27
C GLY B 193 -15.07 10.21 -20.91
N HIS B 194 -14.82 9.97 -19.62
CA HIS B 194 -13.55 9.35 -19.24
C HIS B 194 -13.53 7.89 -19.67
N THR B 195 -12.33 7.41 -20.01
CA THR B 195 -12.14 6.01 -20.38
C THR B 195 -11.59 5.17 -19.24
N GLY B 196 -10.80 5.75 -18.35
CA GLY B 196 -10.28 5.05 -17.20
C GLY B 196 -11.01 5.42 -15.92
N ASP B 197 -10.56 4.80 -14.83
CA ASP B 197 -11.18 5.05 -13.52
C ASP B 197 -10.96 6.49 -13.11
N VAL B 198 -12.02 7.17 -12.69
CA VAL B 198 -11.91 8.54 -12.23
C VAL B 198 -11.42 8.54 -10.79
N MET B 199 -10.28 9.17 -10.55
CA MET B 199 -9.60 9.08 -9.27
C MET B 199 -9.80 10.28 -8.36
N SER B 200 -9.93 11.48 -8.92
CA SER B 200 -10.01 12.68 -8.10
C SER B 200 -11.03 13.65 -8.71
N LEU B 201 -11.46 14.60 -7.88
CA LEU B 201 -12.47 15.57 -8.26
C LEU B 201 -12.24 16.84 -7.46
N SER B 202 -12.43 17.98 -8.11
CA SER B 202 -12.26 19.27 -7.45
C SER B 202 -13.27 20.26 -8.00
N LEU B 203 -14.04 20.87 -7.10
CA LEU B 203 -15.02 21.86 -7.48
C LEU B 203 -14.37 23.23 -7.65
N ALA B 204 -14.94 24.05 -8.51
CA ALA B 204 -14.52 25.43 -8.64
C ALA B 204 -15.03 26.26 -7.47
N PRO B 205 -14.39 27.40 -7.18
CA PRO B 205 -14.92 28.27 -6.12
C PRO B 205 -16.36 28.71 -6.34
N ASP B 206 -16.74 28.98 -7.59
CA ASP B 206 -18.11 29.38 -7.88
C ASP B 206 -19.08 28.20 -7.90
N THR B 207 -18.56 26.96 -7.85
CA THR B 207 -19.37 25.74 -7.92
C THR B 207 -20.18 25.68 -9.21
N ARG B 208 -19.69 26.34 -10.26
CA ARG B 208 -20.31 26.29 -11.58
C ARG B 208 -19.68 25.23 -12.47
N LEU B 209 -18.39 24.97 -12.28
CA LEU B 209 -17.65 23.97 -13.04
C LEU B 209 -16.83 23.13 -12.07
N PHE B 210 -16.34 22.00 -12.57
CA PHE B 210 -15.41 21.18 -11.80
C PHE B 210 -14.58 20.35 -12.76
N VAL B 211 -13.38 19.99 -12.30
CA VAL B 211 -12.47 19.15 -13.06
C VAL B 211 -12.34 17.80 -12.38
N SER B 212 -11.89 16.80 -13.15
CA SER B 212 -11.74 15.45 -12.63
C SER B 212 -10.67 14.74 -13.44
N GLY B 213 -9.65 14.22 -12.75
CA GLY B 213 -8.65 13.39 -13.41
C GLY B 213 -8.97 11.92 -13.28
N ALA B 214 -8.61 11.16 -14.30
CA ALA B 214 -8.95 9.75 -14.36
C ALA B 214 -7.73 8.93 -14.73
N CYS B 215 -7.89 7.61 -14.72
CA CYS B 215 -6.82 6.69 -15.05
C CYS B 215 -6.66 6.53 -16.57
N ASP B 216 -6.58 7.65 -17.28
CA ASP B 216 -6.21 7.63 -18.69
C ASP B 216 -5.27 8.77 -19.03
N ALA B 217 -4.63 9.38 -18.04
CA ALA B 217 -3.69 10.48 -18.24
C ALA B 217 -4.36 11.68 -18.91
N SER B 218 -5.54 12.03 -18.39
CA SER B 218 -6.29 13.15 -18.94
C SER B 218 -7.22 13.71 -17.88
N ALA B 219 -7.43 15.02 -17.95
CA ALA B 219 -8.37 15.72 -17.08
C ALA B 219 -9.44 16.38 -17.93
N LYS B 220 -10.63 16.53 -17.35
CA LYS B 220 -11.79 17.03 -18.09
C LYS B 220 -12.50 18.09 -17.27
N LEU B 221 -12.86 19.19 -17.93
CA LEU B 221 -13.64 20.25 -17.31
C LEU B 221 -15.12 20.01 -17.58
N TRP B 222 -15.91 19.92 -16.51
CA TRP B 222 -17.34 19.64 -16.62
C TRP B 222 -18.14 20.86 -16.18
N ASP B 223 -19.26 21.10 -16.87
CA ASP B 223 -20.22 22.10 -16.45
C ASP B 223 -21.32 21.42 -15.63
N VAL B 224 -21.56 21.93 -14.42
CA VAL B 224 -22.46 21.24 -13.50
C VAL B 224 -23.90 21.32 -13.99
N ARG B 225 -24.34 22.51 -14.40
CA ARG B 225 -25.74 22.69 -14.80
C ARG B 225 -26.05 22.10 -16.18
N GLU B 226 -25.03 21.71 -16.94
CA GLU B 226 -25.24 21.20 -18.29
C GLU B 226 -24.89 19.72 -18.43
N GLY B 227 -23.82 19.26 -17.81
CA GLY B 227 -23.40 17.88 -17.92
C GLY B 227 -22.50 17.58 -19.09
N MET B 228 -22.08 18.58 -19.85
CA MET B 228 -21.20 18.40 -20.99
C MET B 228 -19.76 18.69 -20.59
N CYS B 229 -18.83 18.02 -21.26
CA CYS B 229 -17.41 18.28 -21.07
C CYS B 229 -17.02 19.51 -21.88
N ARG B 230 -16.47 20.52 -21.20
CA ARG B 230 -16.07 21.74 -21.89
C ARG B 230 -14.79 21.53 -22.70
N GLN B 231 -13.71 21.14 -22.03
CA GLN B 231 -12.48 20.81 -22.70
C GLN B 231 -11.74 19.75 -21.90
N THR B 232 -10.90 18.99 -22.59
CA THR B 232 -10.10 17.93 -21.97
C THR B 232 -8.63 18.30 -22.04
N PHE B 233 -7.90 18.05 -20.96
CA PHE B 233 -6.48 18.37 -20.87
C PHE B 233 -5.65 17.10 -20.84
N THR B 234 -4.54 17.12 -21.56
CA THR B 234 -3.63 15.97 -21.63
C THR B 234 -2.20 16.46 -21.43
N GLY B 235 -1.31 15.50 -21.23
CA GLY B 235 0.09 15.82 -20.99
C GLY B 235 0.76 14.90 -20.00
N HIS B 236 -0.04 14.32 -19.09
CA HIS B 236 0.48 13.34 -18.16
C HIS B 236 0.78 12.03 -18.88
N GLU B 237 1.76 11.30 -18.38
CA GLU B 237 2.14 10.02 -18.98
C GLU B 237 1.44 8.84 -18.33
N SER B 238 0.98 8.97 -17.10
CA SER B 238 0.32 7.87 -16.40
C SER B 238 -0.94 8.32 -15.69
N ASP B 239 -1.45 7.47 -14.79
CA ASP B 239 -2.72 7.73 -14.13
C ASP B 239 -2.66 9.01 -13.31
N ILE B 240 -3.68 9.86 -13.46
CA ILE B 240 -3.79 11.07 -12.66
C ILE B 240 -4.48 10.71 -11.35
N ASN B 241 -3.80 10.98 -10.23
CA ASN B 241 -4.29 10.59 -8.92
C ASN B 241 -5.00 11.73 -8.19
N ALA B 242 -4.48 12.95 -8.30
CA ALA B 242 -5.00 14.09 -7.57
C ALA B 242 -5.26 15.27 -8.50
N ILE B 243 -6.09 16.20 -8.03
CA ILE B 243 -6.44 17.37 -8.80
C ILE B 243 -6.94 18.44 -7.83
N CYS B 244 -6.67 19.71 -8.16
CA CYS B 244 -7.05 20.82 -7.28
C CYS B 244 -7.06 22.11 -8.09
N PHE B 245 -8.09 22.92 -7.88
CA PHE B 245 -8.20 24.21 -8.55
C PHE B 245 -7.25 25.25 -7.95
N PHE B 246 -6.85 26.19 -8.80
CA PHE B 246 -6.17 27.39 -8.33
C PHE B 246 -7.17 28.28 -7.60
N PRO B 247 -6.73 29.04 -6.61
CA PRO B 247 -7.69 29.83 -5.79
C PRO B 247 -8.59 30.76 -6.59
N ASN B 248 -8.09 31.40 -7.64
CA ASN B 248 -8.97 32.29 -8.41
C ASN B 248 -9.95 31.50 -9.26
N GLY B 249 -9.65 30.24 -9.54
CA GLY B 249 -10.55 29.38 -10.30
C GLY B 249 -10.28 29.32 -11.78
N ASN B 250 -9.15 29.84 -12.25
CA ASN B 250 -8.81 29.83 -13.66
C ASN B 250 -7.75 28.80 -14.02
N ALA B 251 -7.23 28.04 -13.05
CA ALA B 251 -6.22 27.04 -13.32
C ALA B 251 -6.37 25.90 -12.32
N PHE B 252 -5.63 24.82 -12.57
CA PHE B 252 -5.65 23.67 -11.67
C PHE B 252 -4.38 22.86 -11.87
N ALA B 253 -4.03 22.09 -10.84
CA ALA B 253 -2.86 21.22 -10.85
C ALA B 253 -3.30 19.75 -10.79
N THR B 254 -2.43 18.88 -11.30
CA THR B 254 -2.72 17.46 -11.39
C THR B 254 -1.50 16.66 -11.01
N GLY B 255 -1.61 15.83 -9.97
CA GLY B 255 -0.57 14.88 -9.62
C GLY B 255 -0.84 13.52 -10.23
N SER B 256 0.23 12.85 -10.64
CA SER B 256 0.09 11.58 -11.36
C SER B 256 1.22 10.64 -10.95
N ASP B 257 1.20 9.44 -11.52
CA ASP B 257 2.22 8.43 -11.29
C ASP B 257 3.53 8.74 -12.00
N ASP B 258 3.58 9.80 -12.82
CA ASP B 258 4.80 10.22 -13.48
C ASP B 258 5.82 10.82 -12.53
N ALA B 259 5.46 10.99 -11.26
CA ALA B 259 6.25 11.77 -10.30
C ALA B 259 6.33 13.24 -10.71
N THR B 260 5.31 13.70 -11.44
CA THR B 260 5.27 15.07 -11.93
C THR B 260 3.90 15.68 -11.64
N CYS B 261 3.92 16.96 -11.29
CA CYS B 261 2.71 17.77 -11.23
C CYS B 261 2.69 18.73 -12.40
N ARG B 262 1.50 19.03 -12.90
CA ARG B 262 1.36 19.90 -14.06
C ARG B 262 0.28 20.93 -13.78
N LEU B 263 0.56 22.18 -14.16
CA LEU B 263 -0.40 23.27 -14.05
C LEU B 263 -1.08 23.48 -15.40
N PHE B 264 -2.42 23.48 -15.39
CA PHE B 264 -3.21 23.65 -16.60
C PHE B 264 -4.04 24.91 -16.45
N ASP B 265 -4.09 25.72 -17.50
CA ASP B 265 -4.90 26.93 -17.50
C ASP B 265 -6.21 26.68 -18.25
N LEU B 266 -7.33 27.09 -17.66
CA LEU B 266 -8.62 26.88 -18.29
C LEU B 266 -8.79 27.74 -19.52
N ARG B 267 -8.46 29.03 -19.43
CA ARG B 267 -8.64 29.93 -20.56
C ARG B 267 -7.60 29.66 -21.65
N ALA B 268 -6.33 29.49 -21.26
CA ALA B 268 -5.29 29.19 -22.24
C ALA B 268 -5.42 27.80 -22.82
N ASP B 269 -6.05 26.87 -22.09
CA ASP B 269 -6.27 25.50 -22.55
C ASP B 269 -4.94 24.79 -22.83
N GLN B 270 -3.93 25.07 -22.00
CA GLN B 270 -2.62 24.48 -22.18
C GLN B 270 -2.02 24.13 -20.82
N GLU B 271 -0.89 23.44 -20.86
CA GLU B 271 -0.14 23.10 -19.67
C GLU B 271 0.91 24.19 -19.43
N LEU B 272 0.73 24.96 -18.36
CA LEU B 272 1.63 26.10 -18.12
C LEU B 272 2.99 25.65 -17.61
N MET B 273 3.03 24.70 -16.68
CA MET B 273 4.27 24.38 -16.01
C MET B 273 4.24 22.95 -15.48
N THR B 274 5.43 22.35 -15.39
CA THR B 274 5.62 21.00 -14.89
C THR B 274 6.52 21.05 -13.66
N TYR B 275 6.09 20.41 -12.57
CA TYR B 275 6.84 20.38 -11.32
C TYR B 275 7.42 18.97 -11.15
N SER B 276 8.68 18.81 -11.54
CA SER B 276 9.33 17.50 -11.52
C SER B 276 10.80 17.66 -11.18
N HIS B 277 11.33 16.70 -10.44
CA HIS B 277 12.76 16.63 -10.12
C HIS B 277 13.26 15.23 -10.43
N ASP B 278 14.51 15.14 -10.89
CA ASP B 278 15.09 13.86 -11.25
C ASP B 278 15.22 12.91 -10.05
N ASN B 279 15.36 13.45 -8.84
CA ASN B 279 15.45 12.60 -7.66
C ASN B 279 14.14 11.86 -7.40
N ILE B 280 13.01 12.52 -7.66
CA ILE B 280 11.70 11.93 -7.39
C ILE B 280 11.34 10.96 -8.51
N ILE B 281 11.05 9.72 -8.13
CA ILE B 281 10.67 8.69 -9.10
C ILE B 281 9.42 7.97 -8.62
N CYS B 282 8.72 8.55 -7.65
CA CYS B 282 7.54 7.92 -7.04
C CYS B 282 6.29 8.73 -7.36
N GLY B 283 5.16 8.05 -7.34
CA GLY B 283 3.91 8.69 -7.72
C GLY B 283 3.45 9.74 -6.72
N ILE B 284 2.52 10.56 -7.17
CA ILE B 284 1.94 11.64 -6.37
C ILE B 284 0.51 11.24 -6.01
N THR B 285 0.16 11.41 -4.74
CA THR B 285 -1.15 11.00 -4.22
C THR B 285 -2.11 12.17 -4.07
N SER B 286 -1.64 13.30 -3.55
CA SER B 286 -2.49 14.45 -3.29
C SER B 286 -1.76 15.72 -3.68
N VAL B 287 -2.54 16.74 -4.08
CA VAL B 287 -2.02 18.06 -4.39
C VAL B 287 -2.95 19.09 -3.77
N SER B 288 -2.38 20.25 -3.45
CA SER B 288 -3.17 21.34 -2.87
C SER B 288 -2.38 22.63 -3.01
N PHE B 289 -3.12 23.72 -3.22
CA PHE B 289 -2.54 25.05 -3.29
C PHE B 289 -2.69 25.75 -1.94
N SER B 290 -1.86 26.76 -1.72
CA SER B 290 -2.00 27.60 -0.55
C SER B 290 -3.10 28.64 -0.81
N LYS B 291 -3.37 29.48 0.19
CA LYS B 291 -4.41 30.49 0.03
C LYS B 291 -4.07 31.47 -1.09
N SER B 292 -2.82 31.90 -1.15
CA SER B 292 -2.41 32.82 -2.21
C SER B 292 -2.26 32.13 -3.55
N GLY B 293 -2.06 30.81 -3.54
CA GLY B 293 -1.75 30.09 -4.76
C GLY B 293 -0.29 30.08 -5.15
N ARG B 294 0.58 30.71 -4.34
CA ARG B 294 2.01 30.72 -4.66
C ARG B 294 2.63 29.34 -4.44
N LEU B 295 2.29 28.69 -3.33
CA LEU B 295 2.82 27.37 -3.02
C LEU B 295 1.90 26.29 -3.55
N LEU B 296 2.50 25.15 -3.92
CA LEU B 296 1.77 24.00 -4.41
C LEU B 296 2.20 22.78 -3.59
N LEU B 297 1.33 22.33 -2.69
CA LEU B 297 1.63 21.17 -1.87
C LEU B 297 1.37 19.89 -2.65
N ALA B 298 2.18 18.86 -2.39
CA ALA B 298 2.06 17.61 -3.12
C ALA B 298 2.50 16.46 -2.23
N GLY B 299 1.66 15.42 -2.13
CA GLY B 299 1.98 14.24 -1.35
C GLY B 299 2.49 13.13 -2.26
N TYR B 300 3.58 12.51 -1.85
CA TYR B 300 4.29 11.54 -2.67
C TYR B 300 4.25 10.15 -2.03
N ASP B 301 4.63 9.16 -2.84
CA ASP B 301 4.71 7.78 -2.36
C ASP B 301 5.94 7.52 -1.51
N ASP B 302 6.95 8.39 -1.57
CA ASP B 302 8.19 8.17 -0.83
C ASP B 302 8.10 8.73 0.58
N PHE B 303 6.87 8.80 1.11
CA PHE B 303 6.58 9.16 2.50
C PHE B 303 6.80 10.63 2.79
N ASN B 304 6.79 11.48 1.76
CA ASN B 304 7.17 12.88 1.91
C ASN B 304 6.14 13.77 1.25
N CYS B 305 6.19 15.05 1.61
CA CYS B 305 5.39 16.10 0.98
C CYS B 305 6.32 17.23 0.57
N ASN B 306 6.28 17.59 -0.71
CA ASN B 306 7.16 18.61 -1.25
C ASN B 306 6.37 19.89 -1.51
N VAL B 307 6.89 21.01 -1.02
CA VAL B 307 6.33 22.32 -1.28
C VAL B 307 6.98 22.86 -2.55
N TRP B 308 6.15 23.26 -3.51
CA TRP B 308 6.62 23.74 -4.80
C TRP B 308 6.27 25.21 -4.98
N ASP B 309 7.17 25.93 -5.64
CA ASP B 309 6.89 27.30 -6.07
C ASP B 309 6.10 27.22 -7.36
N ALA B 310 4.81 27.55 -7.30
CA ALA B 310 3.93 27.37 -8.46
C ALA B 310 4.31 28.27 -9.63
N LEU B 311 5.03 29.37 -9.39
CA LEU B 311 5.38 30.28 -10.46
C LEU B 311 6.78 30.05 -11.01
N LYS B 312 7.68 29.44 -10.24
CA LYS B 312 9.04 29.19 -10.68
C LYS B 312 9.41 27.73 -10.76
N ALA B 313 8.55 26.82 -10.28
CA ALA B 313 8.78 25.38 -10.33
C ALA B 313 10.09 25.01 -9.61
N ASP B 314 10.16 25.35 -8.34
CA ASP B 314 11.30 25.03 -7.50
C ASP B 314 10.80 24.47 -6.17
N ARG B 315 11.50 23.48 -5.65
CA ARG B 315 11.14 22.86 -4.38
C ARG B 315 11.42 23.84 -3.25
N ALA B 316 10.37 24.47 -2.73
CA ALA B 316 10.54 25.43 -1.63
C ALA B 316 10.94 24.72 -0.34
N GLY B 317 10.24 23.63 -0.01
CA GLY B 317 10.54 22.91 1.22
C GLY B 317 10.08 21.47 1.18
N VAL B 318 10.20 20.77 2.31
CA VAL B 318 9.81 19.37 2.42
C VAL B 318 9.13 19.17 3.76
N LEU B 319 8.01 18.43 3.75
CA LEU B 319 7.32 18.03 4.97
C LEU B 319 7.57 16.53 5.16
N ALA B 320 8.62 16.21 5.91
CA ALA B 320 9.03 14.82 6.14
C ALA B 320 8.69 14.46 7.58
N GLY B 321 7.52 13.84 7.77
CA GLY B 321 7.12 13.44 9.10
C GLY B 321 6.30 12.16 9.16
N HIS B 322 6.19 11.43 8.05
CA HIS B 322 5.31 10.28 7.99
C HIS B 322 6.11 9.01 7.73
N ASP B 323 5.62 7.91 8.27
CA ASP B 323 6.28 6.61 8.16
C ASP B 323 5.88 5.87 6.89
N ASN B 324 4.60 5.91 6.53
CA ASN B 324 4.11 5.26 5.33
C ASN B 324 3.74 6.33 4.29
N ARG B 325 3.19 5.91 3.15
CA ARG B 325 2.90 6.84 2.07
C ARG B 325 1.90 7.89 2.50
N VAL B 326 2.08 9.11 2.00
CA VAL B 326 1.13 10.19 2.23
C VAL B 326 -0.06 9.95 1.30
N SER B 327 -1.24 9.76 1.89
CA SER B 327 -2.42 9.39 1.12
C SER B 327 -3.25 10.61 0.72
N CYS B 328 -3.32 11.62 1.57
CA CYS B 328 -4.22 12.75 1.36
C CYS B 328 -3.60 14.03 1.91
N LEU B 329 -4.09 15.16 1.40
CA LEU B 329 -3.64 16.48 1.81
C LEU B 329 -4.85 17.40 1.91
N GLY B 330 -4.63 18.54 2.58
CA GLY B 330 -5.68 19.53 2.70
C GLY B 330 -5.20 20.83 3.32
N VAL B 331 -5.67 21.96 2.79
CA VAL B 331 -5.33 23.28 3.29
C VAL B 331 -6.61 23.98 3.69
N THR B 332 -6.56 24.70 4.82
CA THR B 332 -7.73 25.38 5.32
C THR B 332 -8.17 26.50 4.38
N ASP B 333 -9.45 26.86 4.47
CA ASP B 333 -9.98 27.92 3.61
C ASP B 333 -9.31 29.26 3.92
N ASP B 334 -9.01 29.53 5.19
CA ASP B 334 -8.24 30.71 5.53
C ASP B 334 -6.74 30.51 5.32
N GLY B 335 -6.32 29.35 4.82
CA GLY B 335 -4.94 29.10 4.51
C GLY B 335 -4.02 29.12 5.71
N MET B 336 -4.53 28.74 6.88
CA MET B 336 -3.77 28.89 8.11
C MET B 336 -2.88 27.68 8.41
N ALA B 337 -3.34 26.48 8.06
CA ALA B 337 -2.58 25.26 8.29
C ALA B 337 -2.86 24.26 7.19
N VAL B 338 -2.00 23.26 7.10
CA VAL B 338 -2.14 22.17 6.14
C VAL B 338 -2.04 20.85 6.90
N ALA B 339 -2.92 19.91 6.56
CA ALA B 339 -2.98 18.61 7.21
C ALA B 339 -2.58 17.53 6.22
N THR B 340 -1.97 16.46 6.75
CA THR B 340 -1.40 15.40 5.92
C THR B 340 -1.76 14.04 6.52
N GLY B 341 -2.70 13.34 5.89
CA GLY B 341 -2.96 11.96 6.25
C GLY B 341 -2.01 11.02 5.56
N SER B 342 -1.80 9.85 6.18
CA SER B 342 -0.85 8.88 5.68
C SER B 342 -1.33 7.47 5.99
N TRP B 343 -0.67 6.49 5.38
CA TRP B 343 -1.01 5.10 5.59
C TRP B 343 -0.53 4.57 6.94
N ASP B 344 0.21 5.37 7.69
CA ASP B 344 0.64 5.01 9.04
C ASP B 344 -0.41 5.33 10.09
N SER B 345 -1.61 5.74 9.67
CA SER B 345 -2.77 5.99 10.53
C SER B 345 -2.62 7.27 11.36
N PHE B 346 -1.70 8.16 11.00
CA PHE B 346 -1.48 9.40 11.72
C PHE B 346 -1.82 10.58 10.83
N LEU B 347 -2.62 11.51 11.36
CA LEU B 347 -2.97 12.74 10.67
C LEU B 347 -2.25 13.89 11.35
N LYS B 348 -1.34 14.53 10.61
CA LYS B 348 -0.46 15.56 11.16
C LYS B 348 -0.83 16.92 10.58
N ILE B 349 -0.86 17.94 11.44
CA ILE B 349 -1.11 19.32 11.04
C ILE B 349 0.21 20.05 10.94
N TRP B 350 0.42 20.75 9.83
CA TRP B 350 1.65 21.50 9.59
C TRP B 350 1.32 22.96 9.40
N ASN B 351 2.23 23.82 9.87
CA ASN B 351 2.01 25.26 9.79
C ASN B 351 3.35 26.00 9.88
N THR C 6 -23.63 -1.75 -34.37
CA THR C 6 -23.27 -2.16 -33.02
C THR C 6 -22.78 -0.98 -32.20
N ALA C 7 -22.45 -1.23 -30.93
CA ALA C 7 -21.95 -0.17 -30.06
C ALA C 7 -20.50 0.19 -30.35
N SER C 8 -19.69 -0.79 -30.76
CA SER C 8 -18.28 -0.51 -31.04
C SER C 8 -18.14 0.42 -32.24
N ILE C 9 -18.94 0.22 -33.29
CA ILE C 9 -18.84 1.07 -34.46
C ILE C 9 -19.49 2.43 -34.21
N ALA C 10 -20.47 2.51 -33.32
CA ALA C 10 -21.13 3.75 -32.98
C ALA C 10 -20.48 4.48 -31.81
N GLN C 11 -19.45 3.89 -31.19
CA GLN C 11 -18.77 4.54 -30.08
C GLN C 11 -17.97 5.76 -30.55
N ALA C 12 -17.59 5.80 -31.82
CA ALA C 12 -16.87 6.94 -32.38
C ALA C 12 -17.80 8.05 -32.85
N ARG C 13 -19.11 7.84 -32.82
CA ARG C 13 -20.04 8.89 -33.21
C ARG C 13 -19.97 10.07 -32.25
N LYS C 14 -19.92 9.79 -30.95
CA LYS C 14 -19.88 10.84 -29.93
C LYS C 14 -18.52 11.47 -29.77
N LEU C 15 -17.44 10.72 -30.01
CA LEU C 15 -16.10 11.26 -29.82
C LEU C 15 -15.84 12.41 -30.79
N VAL C 16 -16.29 12.27 -32.04
CA VAL C 16 -16.14 13.36 -33.01
C VAL C 16 -16.96 14.57 -32.58
N GLU C 17 -18.19 14.35 -32.12
CA GLU C 17 -19.04 15.47 -31.72
C GLU C 17 -18.45 16.24 -30.55
N GLN C 18 -17.88 15.53 -29.57
CA GLN C 18 -17.31 16.20 -28.40
C GLN C 18 -16.11 17.06 -28.79
N LEU C 19 -15.27 16.55 -29.69
CA LEU C 19 -14.09 17.32 -30.11
C LEU C 19 -14.48 18.58 -30.87
N LYS C 20 -15.63 18.56 -31.55
CA LYS C 20 -16.08 19.76 -32.26
C LYS C 20 -16.37 20.90 -31.29
N MET C 21 -16.95 20.58 -30.14
CA MET C 21 -17.20 21.61 -29.13
C MET C 21 -15.89 22.19 -28.60
N GLU C 22 -14.89 21.33 -28.39
CA GLU C 22 -13.61 21.82 -27.87
C GLU C 22 -12.85 22.63 -28.91
N ALA C 23 -13.10 22.37 -30.20
CA ALA C 23 -12.38 23.09 -31.25
C ALA C 23 -12.77 24.56 -31.28
N ASN C 24 -14.05 24.87 -31.09
CA ASN C 24 -14.54 26.25 -31.15
C ASN C 24 -14.59 26.85 -29.74
N ILE C 25 -13.40 27.22 -29.26
CA ILE C 25 -13.25 27.85 -27.95
C ILE C 25 -12.31 29.05 -28.10
N ASP C 26 -12.61 30.11 -27.35
CA ASP C 26 -11.80 31.33 -27.40
C ASP C 26 -10.61 31.18 -26.47
N ARG C 27 -9.42 31.05 -27.05
CA ARG C 27 -8.19 30.85 -26.28
C ARG C 27 -7.39 32.13 -26.22
N ILE C 28 -7.01 32.52 -25.01
CA ILE C 28 -6.19 33.71 -24.80
C ILE C 28 -4.73 33.33 -24.93
N LYS C 29 -3.86 34.33 -25.08
CA LYS C 29 -2.42 34.06 -25.16
C LYS C 29 -1.89 33.58 -23.81
N VAL C 30 -0.88 32.72 -23.87
CA VAL C 30 -0.29 32.19 -22.64
C VAL C 30 0.41 33.31 -21.87
N SER C 31 0.95 34.31 -22.57
CA SER C 31 1.65 35.40 -21.90
C SER C 31 0.73 36.15 -20.94
N LYS C 32 -0.43 36.60 -21.42
CA LYS C 32 -1.37 37.28 -20.54
C LYS C 32 -2.04 36.31 -19.58
N ALA C 33 -2.14 35.03 -19.97
CA ALA C 33 -2.69 34.03 -19.07
C ALA C 33 -1.79 33.84 -17.84
N ALA C 34 -0.48 33.77 -18.06
CA ALA C 34 0.45 33.66 -16.94
C ALA C 34 0.51 34.94 -16.12
N ALA C 35 0.21 36.08 -16.75
CA ALA C 35 0.18 37.34 -16.02
C ALA C 35 -0.92 37.36 -14.97
N ASP C 36 -2.08 36.77 -15.29
CA ASP C 36 -3.19 36.74 -14.35
C ASP C 36 -2.84 35.92 -13.11
N LEU C 37 -2.17 34.79 -13.29
CA LEU C 37 -1.75 33.99 -12.14
C LEU C 37 -0.74 34.74 -11.28
N MET C 38 0.23 35.41 -11.91
CA MET C 38 1.21 36.17 -11.14
C MET C 38 0.54 37.34 -10.42
N ALA C 39 -0.39 38.02 -11.08
CA ALA C 39 -1.06 39.16 -10.47
C ALA C 39 -1.90 38.73 -9.27
N TYR C 40 -2.57 37.58 -9.37
CA TYR C 40 -3.38 37.10 -8.25
C TYR C 40 -2.52 36.77 -7.04
N CYS C 41 -1.39 36.10 -7.27
CA CYS C 41 -0.51 35.74 -6.15
C CYS C 41 0.11 36.98 -5.52
N GLU C 42 0.52 37.95 -6.34
CA GLU C 42 1.11 39.17 -5.80
C GLU C 42 0.10 39.97 -4.99
N ALA C 43 -1.15 40.02 -5.45
CA ALA C 43 -2.19 40.75 -4.74
C ALA C 43 -2.69 40.04 -3.49
N HIS C 44 -2.34 38.76 -3.32
CA HIS C 44 -2.78 37.97 -2.17
C HIS C 44 -1.63 37.44 -1.35
N ALA C 45 -0.40 37.95 -1.57
CA ALA C 45 0.76 37.40 -0.88
C ALA C 45 0.69 37.64 0.62
N LYS C 46 0.25 38.82 1.04
CA LYS C 46 0.23 39.15 2.46
C LYS C 46 -0.89 38.44 3.22
N GLU C 47 -1.81 37.78 2.53
CA GLU C 47 -2.91 37.07 3.17
C GLU C 47 -2.67 35.57 3.27
N ASP C 48 -1.44 35.11 3.03
CA ASP C 48 -1.12 33.69 3.03
C ASP C 48 -0.24 33.35 4.24
N PRO C 49 -0.79 32.80 5.31
CA PRO C 49 0.04 32.45 6.47
C PRO C 49 1.15 31.44 6.16
N LEU C 50 0.89 30.48 5.27
CA LEU C 50 1.93 29.52 4.92
C LEU C 50 3.09 30.19 4.19
N LEU C 51 2.79 31.13 3.31
CA LEU C 51 3.84 31.83 2.57
C LEU C 51 4.68 32.70 3.49
N THR C 52 4.03 33.46 4.36
CA THR C 52 4.71 34.33 5.33
C THR C 52 4.34 33.89 6.74
N PRO C 53 5.24 33.19 7.45
CA PRO C 53 4.94 32.77 8.82
C PRO C 53 4.45 33.90 9.71
N VAL C 54 3.22 33.78 10.19
CA VAL C 54 2.58 34.79 11.02
C VAL C 54 3.19 34.75 12.43
N PRO C 55 3.05 35.79 13.23
CA PRO C 55 3.56 35.74 14.61
C PRO C 55 2.84 34.68 15.42
N ALA C 56 3.56 34.13 16.41
CA ALA C 56 3.00 33.05 17.22
C ALA C 56 1.76 33.47 18.00
N SER C 57 1.59 34.77 18.25
CA SER C 57 0.39 35.24 18.94
C SER C 57 -0.85 35.19 18.05
N GLU C 58 -0.66 35.19 16.73
CA GLU C 58 -1.77 35.12 15.78
C GLU C 58 -1.97 33.72 15.22
N ASN C 59 -1.27 32.72 15.76
CA ASN C 59 -1.35 31.35 15.27
C ASN C 59 -2.15 30.50 16.26
N PRO C 60 -3.35 30.05 15.91
CA PRO C 60 -4.13 29.23 16.85
C PRO C 60 -3.48 27.90 17.18
N PHE C 61 -2.58 27.41 16.34
CA PHE C 61 -1.90 26.15 16.58
C PHE C 61 -0.64 26.29 17.44
N ARG C 62 -0.26 27.52 17.78
CA ARG C 62 0.89 27.75 18.64
C ARG C 62 0.45 28.07 20.07
N GLN D 1 -0.22 13.64 -24.75
CA GLN D 1 -1.07 12.56 -25.25
C GLN D 1 -0.27 11.29 -25.48
N VAL D 2 -0.59 10.25 -24.72
CA VAL D 2 0.09 8.96 -24.85
C VAL D 2 -0.50 8.24 -26.06
N GLN D 3 0.36 7.87 -27.01
CA GLN D 3 -0.07 7.21 -28.24
C GLN D 3 0.83 6.03 -28.54
N LEU D 4 0.22 4.95 -29.05
CA LEU D 4 0.93 3.77 -29.51
C LEU D 4 0.35 3.37 -30.86
N GLN D 5 1.16 3.45 -31.91
CA GLN D 5 0.70 3.22 -33.28
C GLN D 5 1.39 1.96 -33.81
N GLU D 6 0.60 0.91 -34.05
CA GLU D 6 1.14 -0.35 -34.53
C GLU D 6 1.39 -0.29 -36.03
N SER D 7 2.36 -1.09 -36.48
CA SER D 7 2.71 -1.18 -37.89
C SER D 7 2.86 -2.64 -38.27
N GLY D 8 2.99 -2.88 -39.58
CA GLY D 8 3.09 -4.23 -40.08
C GLY D 8 1.76 -4.96 -40.04
N GLY D 9 1.84 -6.28 -40.19
CA GLY D 9 0.66 -7.11 -40.17
C GLY D 9 -0.01 -7.21 -41.52
N GLY D 10 -0.61 -8.37 -41.80
CA GLY D 10 -1.29 -8.58 -43.07
C GLY D 10 -1.53 -10.07 -43.31
N LEU D 11 -1.70 -10.40 -44.57
CA LEU D 11 -1.93 -11.79 -44.97
C LEU D 11 -0.58 -12.50 -45.16
N VAL D 12 -0.52 -13.74 -44.70
CA VAL D 12 0.70 -14.54 -44.81
C VAL D 12 0.31 -16.01 -44.81
N GLN D 13 1.02 -16.79 -45.62
CA GLN D 13 0.79 -18.22 -45.67
C GLN D 13 1.34 -18.89 -44.41
N PRO D 14 0.80 -20.05 -44.04
CA PRO D 14 1.33 -20.77 -42.88
C PRO D 14 2.79 -21.12 -43.08
N GLY D 15 3.60 -20.88 -42.05
CA GLY D 15 5.03 -21.12 -42.11
C GLY D 15 5.86 -19.91 -42.48
N GLY D 16 5.23 -18.79 -42.84
CA GLY D 16 5.93 -17.59 -43.23
C GLY D 16 6.44 -16.79 -42.05
N SER D 17 6.58 -15.48 -42.26
CA SER D 17 7.11 -14.60 -41.23
C SER D 17 6.46 -13.24 -41.36
N LEU D 18 6.49 -12.48 -40.26
CA LEU D 18 5.83 -11.18 -40.21
C LEU D 18 6.47 -10.37 -39.09
N ARG D 19 6.88 -9.14 -39.40
CA ARG D 19 7.59 -8.28 -38.45
C ARG D 19 6.68 -7.14 -38.03
N LEU D 20 6.26 -7.14 -36.77
CA LEU D 20 5.45 -6.07 -36.23
C LEU D 20 6.32 -4.92 -35.75
N SER D 21 5.77 -3.71 -35.81
CA SER D 21 6.48 -2.51 -35.38
C SER D 21 5.51 -1.62 -34.62
N CYS D 22 5.90 -1.20 -33.42
CA CYS D 22 5.06 -0.38 -32.54
C CYS D 22 5.77 0.94 -32.28
N ALA D 23 5.24 2.02 -32.85
CA ALA D 23 5.81 3.34 -32.67
C ALA D 23 5.18 4.02 -31.47
N ALA D 24 5.99 4.33 -30.46
CA ALA D 24 5.52 4.93 -29.22
C ALA D 24 5.81 6.43 -29.21
N SER D 25 4.93 7.17 -28.54
CA SER D 25 5.09 8.61 -28.39
C SER D 25 4.27 9.08 -27.19
N GLY D 26 4.60 10.27 -26.71
CA GLY D 26 3.90 10.87 -25.60
C GLY D 26 4.41 10.48 -24.23
N PHE D 27 5.43 9.65 -24.15
CA PHE D 27 5.99 9.24 -22.87
C PHE D 27 7.44 8.81 -23.09
N THR D 28 8.17 8.69 -21.99
CA THR D 28 9.56 8.26 -22.05
C THR D 28 9.60 6.75 -22.21
N PHE D 29 9.93 6.29 -23.43
CA PHE D 29 9.84 4.87 -23.76
C PHE D 29 10.81 4.04 -22.91
N SER D 30 11.92 4.63 -22.48
CA SER D 30 12.93 3.86 -21.75
C SER D 30 12.47 3.47 -20.35
N ASN D 31 11.55 4.22 -19.74
CA ASN D 31 11.14 3.93 -18.37
C ASN D 31 10.10 2.82 -18.26
N TYR D 32 9.38 2.52 -19.33
CA TYR D 32 8.20 1.67 -19.23
C TYR D 32 8.47 0.26 -19.75
N LYS D 33 7.83 -0.70 -19.09
CA LYS D 33 7.80 -2.08 -19.56
C LYS D 33 6.72 -2.24 -20.62
N MET D 34 7.07 -2.83 -21.75
CA MET D 34 6.16 -2.95 -22.88
C MET D 34 5.73 -4.41 -23.06
N ASN D 35 4.51 -4.58 -23.55
CA ASN D 35 3.93 -5.91 -23.76
C ASN D 35 3.32 -5.99 -25.15
N TRP D 36 3.18 -7.22 -25.64
CA TRP D 36 2.37 -7.52 -26.81
C TRP D 36 1.19 -8.37 -26.37
N VAL D 37 -0.01 -8.00 -26.82
CA VAL D 37 -1.22 -8.76 -26.54
C VAL D 37 -1.99 -8.91 -27.84
N ARG D 38 -2.89 -9.90 -27.85
CA ARG D 38 -3.67 -10.19 -29.05
C ARG D 38 -5.08 -10.63 -28.64
N GLN D 39 -6.01 -10.46 -29.56
CA GLN D 39 -7.41 -10.85 -29.36
C GLN D 39 -7.86 -11.68 -30.56
N ALA D 40 -7.96 -12.99 -30.39
CA ALA D 40 -8.40 -13.85 -31.46
C ALA D 40 -9.87 -13.65 -31.76
N PRO D 41 -10.31 -13.94 -32.99
CA PRO D 41 -11.74 -13.82 -33.31
C PRO D 41 -12.58 -14.74 -32.44
N GLY D 42 -13.52 -14.15 -31.72
CA GLY D 42 -14.36 -14.91 -30.81
C GLY D 42 -13.71 -15.28 -29.50
N LYS D 43 -12.60 -14.65 -29.16
CA LYS D 43 -11.89 -14.92 -27.91
C LYS D 43 -11.51 -13.60 -27.26
N GLY D 44 -11.24 -13.66 -25.96
CA GLY D 44 -10.83 -12.49 -25.23
C GLY D 44 -9.37 -12.13 -25.46
N LEU D 45 -8.97 -11.00 -24.88
CA LEU D 45 -7.60 -10.54 -25.00
C LEU D 45 -6.65 -11.50 -24.30
N GLU D 46 -5.50 -11.74 -24.93
CA GLU D 46 -4.53 -12.69 -24.45
C GLU D 46 -3.13 -12.07 -24.46
N TRP D 47 -2.41 -12.25 -23.36
CA TRP D 47 -1.04 -11.76 -23.28
C TRP D 47 -0.11 -12.65 -24.08
N VAL D 48 0.79 -12.02 -24.85
CA VAL D 48 1.70 -12.74 -25.75
C VAL D 48 3.13 -12.69 -25.23
N SER D 49 3.67 -11.48 -25.03
CA SER D 49 5.06 -11.34 -24.63
C SER D 49 5.27 -9.98 -24.00
N ASP D 50 6.29 -9.88 -23.15
CA ASP D 50 6.68 -8.64 -22.51
C ASP D 50 8.20 -8.46 -22.60
N ILE D 51 8.66 -7.27 -22.27
CA ILE D 51 10.09 -6.96 -22.28
C ILE D 51 10.36 -5.94 -21.18
N SER D 52 11.50 -6.11 -20.50
CA SER D 52 11.85 -5.23 -19.40
C SER D 52 12.22 -3.84 -19.90
N GLN D 53 12.48 -2.94 -18.94
CA GLN D 53 12.85 -1.57 -19.29
C GLN D 53 14.14 -1.54 -20.08
N SER D 54 15.19 -2.19 -19.56
CA SER D 54 16.46 -2.25 -20.27
C SER D 54 16.42 -3.24 -21.43
N GLY D 55 15.56 -4.25 -21.34
CA GLY D 55 15.52 -5.31 -22.33
C GLY D 55 16.23 -6.55 -21.85
N ALA D 56 15.96 -6.95 -20.61
CA ALA D 56 16.55 -8.12 -20.00
C ALA D 56 15.54 -9.24 -19.82
N SER D 57 14.42 -8.98 -19.15
CA SER D 57 13.35 -9.95 -19.01
C SER D 57 12.56 -10.01 -20.32
N ILE D 58 12.64 -11.14 -21.01
CA ILE D 58 12.07 -11.29 -22.35
C ILE D 58 11.08 -12.44 -22.36
N SER D 59 10.33 -12.59 -21.27
CA SER D 59 9.41 -13.72 -21.12
C SER D 59 8.36 -13.74 -22.23
N TYR D 60 7.87 -14.94 -22.53
CA TYR D 60 6.83 -15.18 -23.54
C TYR D 60 5.69 -15.96 -22.92
N THR D 61 4.64 -16.19 -23.71
CA THR D 61 3.43 -16.84 -23.23
C THR D 61 3.50 -18.36 -23.27
N GLY D 62 4.55 -18.93 -23.81
CA GLY D 62 4.65 -20.39 -23.91
C GLY D 62 4.14 -20.99 -25.19
N SER D 63 2.96 -20.55 -25.63
CA SER D 63 2.44 -21.00 -26.92
C SER D 63 3.27 -20.46 -28.08
N VAL D 64 4.01 -19.38 -27.86
CA VAL D 64 4.76 -18.72 -28.92
C VAL D 64 6.26 -18.79 -28.67
N LYS D 65 6.72 -19.60 -27.72
CA LYS D 65 8.15 -19.72 -27.47
C LYS D 65 8.83 -20.43 -28.63
N GLY D 66 9.97 -19.89 -29.06
CA GLY D 66 10.71 -20.46 -30.17
C GLY D 66 10.38 -19.80 -31.49
N ARG D 67 9.11 -19.45 -31.67
CA ARG D 67 8.65 -18.81 -32.90
C ARG D 67 8.73 -17.28 -32.81
N PHE D 68 8.12 -16.70 -31.78
CA PHE D 68 8.06 -15.27 -31.62
C PHE D 68 9.29 -14.76 -30.89
N THR D 69 9.64 -13.51 -31.15
CA THR D 69 10.71 -12.84 -30.41
C THR D 69 10.43 -11.34 -30.38
N ILE D 70 10.49 -10.77 -29.19
CA ILE D 70 10.22 -9.35 -28.97
C ILE D 70 11.55 -8.60 -28.90
N SER D 71 11.57 -7.39 -29.47
CA SER D 71 12.75 -6.54 -29.46
C SER D 71 12.35 -5.16 -28.98
N ARG D 72 13.35 -4.35 -28.65
CA ARG D 72 13.12 -3.02 -28.10
C ARG D 72 14.25 -2.10 -28.53
N ASP D 73 13.89 -0.86 -28.88
CA ASP D 73 14.87 0.16 -29.25
C ASP D 73 14.48 1.45 -28.54
N ASN D 74 15.16 1.74 -27.42
CA ASN D 74 14.81 2.92 -26.64
C ASN D 74 15.22 4.22 -27.34
N ALA D 75 16.23 4.17 -28.21
CA ALA D 75 16.63 5.37 -28.93
C ALA D 75 15.59 5.76 -29.97
N LYS D 76 15.07 4.77 -30.71
CA LYS D 76 14.10 5.03 -31.75
C LYS D 76 12.66 5.10 -31.23
N ASN D 77 12.44 4.77 -29.96
CA ASN D 77 11.12 4.79 -29.33
C ASN D 77 10.15 3.89 -30.09
N THR D 78 10.51 2.60 -30.13
CA THR D 78 9.72 1.65 -30.89
C THR D 78 9.87 0.26 -30.29
N LEU D 79 8.84 -0.57 -30.52
CA LEU D 79 8.79 -1.94 -30.07
C LEU D 79 8.64 -2.88 -31.27
N TYR D 80 9.20 -4.08 -31.15
CA TYR D 80 9.19 -5.03 -32.25
C TYR D 80 8.65 -6.37 -31.79
N LEU D 81 8.24 -7.19 -32.77
CA LEU D 81 7.83 -8.56 -32.53
C LEU D 81 8.04 -9.33 -33.83
N GLN D 82 9.13 -10.09 -33.90
CA GLN D 82 9.48 -10.84 -35.10
C GLN D 82 8.88 -12.24 -35.00
N MET D 83 7.79 -12.46 -35.73
CA MET D 83 7.16 -13.77 -35.78
C MET D 83 7.79 -14.59 -36.92
N ASN D 84 8.22 -15.81 -36.59
CA ASN D 84 9.06 -16.59 -37.50
C ASN D 84 8.35 -17.73 -38.21
N SER D 85 7.32 -18.32 -37.61
CA SER D 85 6.58 -19.42 -38.25
C SER D 85 5.12 -19.28 -37.83
N LEU D 86 4.32 -18.65 -38.69
CA LEU D 86 2.94 -18.33 -38.34
C LEU D 86 2.05 -19.54 -38.54
N LYS D 87 1.25 -19.85 -37.52
CA LYS D 87 0.24 -20.89 -37.57
C LYS D 87 -1.14 -20.26 -37.68
N PRO D 88 -2.14 -21.00 -38.18
CA PRO D 88 -3.49 -20.43 -38.28
C PRO D 88 -4.07 -19.99 -36.95
N GLU D 89 -3.68 -20.64 -35.85
CA GLU D 89 -4.17 -20.22 -34.53
C GLU D 89 -3.64 -18.85 -34.11
N ASP D 90 -2.59 -18.36 -34.77
CA ASP D 90 -2.02 -17.06 -34.43
C ASP D 90 -2.82 -15.89 -34.95
N THR D 91 -3.83 -16.14 -35.79
CA THR D 91 -4.65 -15.07 -36.35
C THR D 91 -5.36 -14.30 -35.24
N ALA D 92 -5.01 -13.03 -35.09
CA ALA D 92 -5.58 -12.17 -34.06
C ALA D 92 -5.17 -10.73 -34.36
N VAL D 93 -5.77 -9.81 -33.61
CA VAL D 93 -5.39 -8.40 -33.67
C VAL D 93 -4.36 -8.15 -32.58
N TYR D 94 -3.12 -7.87 -32.99
CA TYR D 94 -2.02 -7.73 -32.04
C TYR D 94 -1.92 -6.28 -31.57
N TYR D 95 -2.08 -6.07 -30.27
CA TYR D 95 -1.95 -4.76 -29.65
C TYR D 95 -0.58 -4.62 -28.99
N CYS D 96 -0.29 -3.40 -28.56
CA CYS D 96 1.02 -3.00 -28.04
C CYS D 96 0.87 -2.37 -26.65
N ALA D 97 0.20 -3.08 -25.75
CA ALA D 97 -0.10 -2.54 -24.43
C ALA D 97 1.17 -2.14 -23.69
N ARG D 98 1.11 -1.00 -23.00
CA ARG D 98 2.19 -0.49 -22.18
C ARG D 98 1.79 -0.54 -20.71
N CYS D 99 2.76 -0.85 -19.86
CA CYS D 99 2.48 -0.97 -18.43
C CYS D 99 2.11 0.40 -17.85
N PRO D 100 1.27 0.43 -16.80
CA PRO D 100 0.73 1.70 -16.32
C PRO D 100 1.75 2.59 -15.62
N ALA D 101 2.58 2.02 -14.74
CA ALA D 101 3.52 2.79 -13.95
C ALA D 101 4.91 2.79 -14.61
N PRO D 102 5.70 3.84 -14.39
CA PRO D 102 6.99 3.95 -15.07
C PRO D 102 8.20 3.35 -14.37
N PHE D 103 8.08 2.84 -13.14
CA PHE D 103 9.23 2.27 -12.46
C PHE D 103 8.83 1.01 -11.70
N THR D 104 8.03 0.16 -12.33
CA THR D 104 7.52 -1.04 -11.69
C THR D 104 7.77 -2.25 -12.58
N ARG D 105 8.06 -3.38 -11.95
CA ARG D 105 8.23 -4.64 -12.67
C ARG D 105 6.93 -5.42 -12.82
N ASP D 106 5.95 -5.17 -11.96
CA ASP D 106 4.62 -5.74 -12.14
C ASP D 106 3.84 -4.92 -13.15
N CYS D 107 2.94 -5.60 -13.86
CA CYS D 107 2.17 -4.96 -14.92
C CYS D 107 0.72 -5.40 -14.81
N PHE D 108 -0.17 -4.42 -14.66
CA PHE D 108 -1.57 -4.68 -14.36
C PHE D 108 -2.47 -4.22 -15.50
N ASP D 109 -3.53 -4.99 -15.75
CA ASP D 109 -4.67 -4.61 -16.58
C ASP D 109 -4.32 -4.38 -18.05
N VAL D 110 -3.20 -4.93 -18.53
CA VAL D 110 -2.89 -4.77 -19.95
C VAL D 110 -3.87 -5.54 -20.82
N THR D 111 -4.43 -6.63 -20.29
CA THR D 111 -5.39 -7.45 -21.03
C THR D 111 -6.82 -7.02 -20.82
N SER D 112 -7.06 -5.92 -20.10
CA SER D 112 -8.41 -5.45 -19.86
C SER D 112 -9.05 -4.95 -21.15
N THR D 113 -10.38 -4.98 -21.17
CA THR D 113 -11.12 -4.63 -22.39
C THR D 113 -10.95 -3.17 -22.77
N THR D 114 -10.85 -2.27 -21.79
CA THR D 114 -10.75 -0.85 -22.08
C THR D 114 -9.50 -0.24 -21.46
N TYR D 115 -8.36 -0.89 -21.65
CA TYR D 115 -7.09 -0.37 -21.15
C TYR D 115 -6.69 0.89 -21.92
N ALA D 116 -6.33 1.94 -21.19
CA ALA D 116 -6.10 3.24 -21.81
C ALA D 116 -4.76 3.32 -22.52
N TYR D 117 -3.75 2.60 -22.04
CA TYR D 117 -2.39 2.69 -22.56
C TYR D 117 -2.08 1.57 -23.55
N ARG D 118 -3.06 1.21 -24.37
CA ARG D 118 -2.91 0.17 -25.38
C ARG D 118 -3.30 0.74 -26.73
N GLY D 119 -2.59 0.33 -27.78
CA GLY D 119 -2.82 0.87 -29.10
C GLY D 119 -4.08 0.31 -29.74
N GLN D 120 -4.33 0.77 -30.97
CA GLN D 120 -5.49 0.31 -31.72
C GLN D 120 -5.32 -1.09 -32.28
N GLY D 121 -4.09 -1.54 -32.45
CA GLY D 121 -3.83 -2.91 -32.87
C GLY D 121 -3.72 -3.03 -34.39
N THR D 122 -2.98 -4.04 -34.82
CA THR D 122 -2.81 -4.36 -36.23
C THR D 122 -3.33 -5.76 -36.50
N GLN D 123 -4.03 -5.93 -37.61
CA GLN D 123 -4.63 -7.21 -37.96
C GLN D 123 -3.57 -8.14 -38.54
N VAL D 124 -3.52 -9.36 -38.03
CA VAL D 124 -2.67 -10.43 -38.57
C VAL D 124 -3.56 -11.61 -38.91
N THR D 125 -3.49 -12.06 -40.17
CA THR D 125 -4.31 -13.16 -40.64
C THR D 125 -3.43 -14.22 -41.28
N VAL D 126 -3.72 -15.48 -41.00
CA VAL D 126 -2.99 -16.61 -41.54
C VAL D 126 -3.99 -17.54 -42.20
N SER D 127 -3.84 -17.76 -43.51
CA SER D 127 -4.76 -18.61 -44.24
C SER D 127 -4.05 -19.17 -45.46
N SER D 128 -4.56 -20.29 -45.96
CA SER D 128 -4.00 -20.94 -47.14
C SER D 128 -4.84 -20.66 -48.37
N TYR E 173 40.98 -3.71 33.23
CA TYR E 173 40.01 -4.02 34.28
C TYR E 173 39.00 -2.89 34.45
N THR E 174 39.49 -1.74 34.93
CA THR E 174 38.61 -0.60 35.16
C THR E 174 37.99 -0.10 33.86
N VAL E 175 38.77 -0.08 32.78
CA VAL E 175 38.22 0.31 31.49
C VAL E 175 37.18 -0.70 31.01
N GLY E 176 37.37 -1.98 31.33
CA GLY E 176 36.36 -2.98 31.02
C GLY E 176 35.09 -2.75 31.84
N TYR E 177 35.18 -2.09 32.96
CA TYR E 177 33.92 -1.98 33.72
C TYR E 177 33.21 -0.72 33.30
N SER E 178 33.95 0.19 32.62
CA SER E 178 33.27 1.38 32.09
C SER E 178 32.37 1.03 30.92
N VAL E 179 32.87 0.22 29.99
CA VAL E 179 32.09 -0.10 28.80
C VAL E 179 30.86 -0.94 29.10
N SER E 180 30.84 -1.63 30.25
CA SER E 180 29.67 -2.43 30.60
C SER E 180 28.47 -1.54 30.92
N LEU E 181 28.67 -0.52 31.76
CA LEU E 181 27.57 0.37 32.10
C LEU E 181 27.32 1.41 31.02
N ALA E 182 28.38 1.87 30.35
CA ALA E 182 28.23 2.95 29.38
C ALA E 182 27.40 2.51 28.17
N SER E 183 27.69 1.31 27.64
CA SER E 183 26.97 0.84 26.47
C SER E 183 25.51 0.53 26.79
N LEU E 184 25.24 0.07 28.02
CA LEU E 184 23.88 -0.32 28.37
C LEU E 184 22.97 0.88 28.58
N THR E 185 23.52 1.98 29.11
CA THR E 185 22.73 3.20 29.23
C THR E 185 22.41 3.82 27.88
N VAL E 186 23.33 3.69 26.92
CA VAL E 186 23.04 4.12 25.56
C VAL E 186 21.93 3.28 24.96
N ALA E 187 21.91 1.98 25.28
CA ALA E 187 20.89 1.09 24.74
C ALA E 187 19.49 1.50 25.18
N VAL E 188 19.32 1.84 26.47
CA VAL E 188 18.01 2.26 26.95
C VAL E 188 17.60 3.59 26.35
N LEU E 189 18.56 4.50 26.13
CA LEU E 189 18.24 5.81 25.57
C LEU E 189 17.66 5.69 24.16
N ILE E 190 18.26 4.84 23.33
CA ILE E 190 17.80 4.71 21.95
C ILE E 190 16.40 4.11 21.91
N LEU E 191 16.12 3.15 22.81
CA LEU E 191 14.82 2.48 22.81
C LEU E 191 13.72 3.35 23.39
N ALA E 192 14.03 4.21 24.35
CA ALA E 192 13.02 5.00 25.04
C ALA E 192 12.74 6.34 24.39
N TYR E 193 13.79 7.06 23.96
CA TYR E 193 13.61 8.38 23.39
C TYR E 193 12.96 8.36 22.01
N PHE E 194 12.84 7.19 21.39
CA PHE E 194 12.35 7.08 20.02
C PHE E 194 10.97 6.42 20.01
N ARG E 195 10.12 6.88 19.09
CA ARG E 195 8.76 6.36 18.99
C ARG E 195 8.66 5.15 18.07
N ARG E 196 9.47 5.09 17.01
CA ARG E 196 9.45 3.92 16.14
C ARG E 196 9.91 2.66 16.87
N LEU E 197 10.94 2.77 17.70
CA LEU E 197 11.44 1.64 18.47
C LEU E 197 10.56 1.44 19.71
N HIS E 198 9.39 0.87 19.47
CA HIS E 198 8.37 0.69 20.50
C HIS E 198 7.75 -0.69 20.29
N CYS E 199 6.55 -0.88 20.86
CA CYS E 199 5.80 -2.13 20.93
C CYS E 199 6.36 -2.99 22.06
N THR E 200 5.63 -4.04 22.42
CA THR E 200 5.90 -4.75 23.68
C THR E 200 7.31 -5.32 23.72
N ARG E 201 7.79 -5.89 22.61
CA ARG E 201 9.08 -6.56 22.64
C ARG E 201 10.21 -5.58 22.94
N ASN E 202 10.11 -4.34 22.43
CA ASN E 202 11.13 -3.35 22.73
C ASN E 202 11.01 -2.84 24.16
N TYR E 203 9.81 -2.85 24.73
CA TYR E 203 9.65 -2.51 26.14
C TYR E 203 10.22 -3.62 27.02
N ILE E 204 10.20 -4.86 26.53
CA ILE E 204 10.84 -5.96 27.25
C ILE E 204 12.35 -5.81 27.24
N HIS E 205 12.91 -5.35 26.11
CA HIS E 205 14.36 -5.23 26.00
C HIS E 205 14.92 -4.22 26.99
N MET E 206 14.20 -3.13 27.23
CA MET E 206 14.70 -2.09 28.14
C MET E 206 14.89 -2.63 29.56
N HIS E 207 13.92 -3.40 30.05
CA HIS E 207 14.05 -3.98 31.38
C HIS E 207 15.20 -4.98 31.45
N LEU E 208 15.41 -5.72 30.37
CA LEU E 208 16.59 -6.60 30.30
C LEU E 208 17.87 -5.78 30.35
N PHE E 209 17.93 -4.71 29.57
CA PHE E 209 19.13 -3.87 29.56
C PHE E 209 19.30 -3.16 30.89
N LEU E 210 18.20 -2.75 31.52
CA LEU E 210 18.28 -2.12 32.84
C LEU E 210 18.85 -3.09 33.88
N SER E 211 18.40 -4.34 33.83
CA SER E 211 18.89 -5.33 34.80
C SER E 211 20.37 -5.63 34.60
N PHE E 212 20.82 -5.70 33.35
CA PHE E 212 22.24 -5.94 33.10
C PHE E 212 23.11 -4.82 33.65
N MET E 213 22.69 -3.57 33.45
CA MET E 213 23.43 -2.44 33.99
C MET E 213 23.36 -2.41 35.51
N LEU E 214 22.20 -2.75 36.07
CA LEU E 214 22.03 -2.71 37.52
C LEU E 214 22.85 -3.80 38.20
N ARG E 215 23.08 -4.94 37.53
CA ARG E 215 23.96 -5.96 38.09
C ARG E 215 25.37 -5.42 38.26
N ALA E 216 25.90 -4.76 37.21
CA ALA E 216 27.26 -4.25 37.27
C ALA E 216 27.42 -3.21 38.36
N VAL E 217 26.37 -2.41 38.60
CA VAL E 217 26.43 -1.41 39.67
C VAL E 217 26.60 -2.10 41.03
N SER E 218 25.84 -3.17 41.26
CA SER E 218 25.88 -3.83 42.56
C SER E 218 27.13 -4.69 42.75
N ILE E 219 27.85 -5.01 41.67
CA ILE E 219 29.08 -5.78 41.82
C ILE E 219 30.14 -4.95 42.52
N PHE E 220 30.37 -3.74 42.01
CA PHE E 220 31.45 -2.97 42.73
C PHE E 220 31.01 -2.49 44.14
N VAL E 221 29.78 -2.03 44.24
CA VAL E 221 29.37 -1.51 45.54
C VAL E 221 29.55 -2.57 46.63
N LYS E 222 29.15 -3.81 46.33
CA LYS E 222 29.32 -4.89 47.31
C LYS E 222 30.79 -5.14 47.61
N ASP E 223 31.65 -5.09 46.58
CA ASP E 223 33.07 -5.32 46.81
C ASP E 223 33.72 -4.15 47.55
N ALA E 224 33.27 -2.93 47.26
CA ALA E 224 33.89 -1.75 47.89
C ALA E 224 33.69 -1.74 49.39
N VAL E 225 32.48 -2.06 49.85
CA VAL E 225 32.21 -2.08 51.29
C VAL E 225 32.90 -3.27 51.95
N LEU E 226 32.99 -4.40 51.25
CA LEU E 226 33.56 -5.60 51.83
C LEU E 226 35.08 -5.60 51.76
N TYR E 227 35.63 -5.59 50.55
CA TYR E 227 37.07 -5.69 50.34
C TYR E 227 37.65 -4.47 49.64
N SER E 228 37.04 -4.02 48.55
CA SER E 228 37.58 -2.89 47.80
C SER E 228 37.30 -1.57 48.51
N CYS E 263 28.10 -2.76 54.24
CA CYS E 263 27.94 -3.92 55.09
C CYS E 263 26.90 -4.88 54.51
N ARG E 264 25.84 -5.13 55.28
CA ARG E 264 24.75 -5.98 54.82
C ARG E 264 23.80 -5.26 53.86
N VAL E 265 23.89 -3.94 53.75
CA VAL E 265 23.03 -3.21 52.82
C VAL E 265 23.34 -3.59 51.38
N ALA E 266 24.62 -3.67 51.02
CA ALA E 266 24.99 -4.04 49.66
C ALA E 266 24.81 -5.54 49.42
N VAL E 267 24.81 -6.34 50.48
CA VAL E 267 24.64 -7.79 50.32
C VAL E 267 23.25 -8.11 49.82
N THR E 268 22.22 -7.54 50.46
CA THR E 268 20.85 -7.84 50.05
C THR E 268 20.53 -7.25 48.69
N PHE E 269 21.12 -6.11 48.34
CA PHE E 269 20.90 -5.53 47.01
C PHE E 269 21.56 -6.38 45.94
N PHE E 270 22.73 -6.95 46.24
CA PHE E 270 23.43 -7.77 45.25
C PHE E 270 22.62 -9.01 44.90
N LEU E 271 22.02 -9.67 45.89
CA LEU E 271 21.24 -10.87 45.62
C LEU E 271 19.98 -10.56 44.84
N TYR E 272 19.36 -9.41 45.13
CA TYR E 272 18.14 -9.03 44.42
C TYR E 272 18.38 -8.88 42.93
N PHE E 273 19.45 -8.16 42.56
CA PHE E 273 19.72 -7.92 41.15
C PHE E 273 20.29 -9.13 40.44
N LEU E 274 20.99 -10.02 41.17
CA LEU E 274 21.46 -11.25 40.56
C LEU E 274 20.29 -12.12 40.11
N ALA E 275 19.27 -12.25 40.96
CA ALA E 275 18.07 -12.98 40.57
C ALA E 275 17.22 -12.22 39.57
N THR E 276 17.46 -10.92 39.43
CA THR E 276 16.69 -10.12 38.48
C THR E 276 17.16 -10.37 37.05
N ASN E 277 18.46 -10.56 36.86
CA ASN E 277 18.98 -10.79 35.50
C ASN E 277 18.42 -12.08 34.91
N TYR E 278 18.53 -13.18 35.65
CA TYR E 278 18.08 -14.47 35.12
C TYR E 278 16.57 -14.59 35.08
N TYR E 279 15.86 -13.69 35.76
CA TYR E 279 14.40 -13.68 35.66
C TYR E 279 13.93 -12.81 34.50
N TRP E 280 14.72 -11.84 34.07
CA TRP E 280 14.41 -11.07 32.87
C TRP E 280 14.97 -11.71 31.61
N ILE E 281 15.98 -12.57 31.75
CA ILE E 281 16.34 -13.46 30.65
C ILE E 281 15.26 -14.52 30.45
N LEU E 282 14.71 -15.03 31.56
CA LEU E 282 13.65 -16.04 31.48
C LEU E 282 12.42 -15.51 30.78
N VAL E 283 11.90 -14.37 31.23
CA VAL E 283 10.63 -13.88 30.71
C VAL E 283 10.77 -13.45 29.25
N GLU E 284 11.93 -12.91 28.89
CA GLU E 284 12.15 -12.50 27.50
C GLU E 284 12.10 -13.70 26.56
N GLY E 285 12.64 -14.84 27.00
CA GLY E 285 12.42 -16.08 26.28
C GLY E 285 11.02 -16.61 26.46
N LEU E 286 10.36 -16.23 27.56
CA LEU E 286 8.98 -16.63 27.78
C LEU E 286 8.02 -15.81 26.94
N TYR E 287 8.35 -14.54 26.66
CA TYR E 287 7.49 -13.73 25.81
C TYR E 287 7.61 -14.16 24.35
N LEU E 288 8.84 -14.47 23.90
CA LEU E 288 9.02 -14.97 22.55
C LEU E 288 8.34 -16.32 22.37
N HIS E 289 8.41 -17.18 23.40
CA HIS E 289 7.73 -18.47 23.34
C HIS E 289 6.22 -18.30 23.21
N SER E 290 5.66 -17.30 23.90
CA SER E 290 4.23 -17.06 23.83
C SER E 290 3.81 -16.64 22.43
N LEU E 291 4.61 -15.80 21.77
CA LEU E 291 4.25 -15.31 20.43
C LEU E 291 4.17 -16.46 19.42
N ILE E 292 5.14 -17.37 19.46
CA ILE E 292 5.17 -18.46 18.49
C ILE E 292 4.02 -19.44 18.74
N PHE E 293 3.69 -19.69 20.01
CA PHE E 293 2.75 -20.75 20.35
C PHE E 293 1.39 -20.23 20.82
N MET E 294 1.36 -19.40 21.84
CA MET E 294 0.12 -19.05 22.53
C MET E 294 -0.20 -17.57 22.39
N ALA E 295 -0.03 -17.03 21.19
CA ALA E 295 -0.41 -15.64 20.92
C ALA E 295 -1.11 -15.49 19.58
N PHE E 296 -1.75 -16.54 19.08
CA PHE E 296 -2.61 -16.45 17.91
C PHE E 296 -3.93 -15.78 18.26
N PHE E 297 -4.19 -15.58 19.55
CA PHE E 297 -5.33 -14.77 20.01
C PHE E 297 -4.84 -13.72 21.00
N SER E 298 -3.64 -13.19 20.76
CA SER E 298 -3.00 -12.21 21.63
C SER E 298 -2.82 -12.75 23.05
N LYS E 301 -3.24 -5.76 30.87
CA LYS E 301 -2.89 -6.52 29.69
C LYS E 301 -1.74 -7.48 29.96
N TYR E 302 -1.32 -8.22 28.94
CA TYR E 302 -0.21 -9.14 29.09
C TYR E 302 1.09 -8.41 29.40
N LEU E 303 1.33 -7.28 28.73
CA LEU E 303 2.60 -6.57 28.89
C LEU E 303 2.82 -6.14 30.33
N TRP E 304 1.80 -5.57 30.97
CA TRP E 304 1.90 -5.16 32.36
C TRP E 304 1.55 -6.28 33.33
N GLY E 305 1.05 -7.41 32.83
CA GLY E 305 0.74 -8.52 33.72
C GLY E 305 1.96 -9.12 34.38
N PHE E 306 3.02 -9.35 33.59
CA PHE E 306 4.22 -9.97 34.15
C PHE E 306 5.35 -8.98 34.36
N THR E 307 5.08 -7.67 34.30
CA THR E 307 6.11 -6.72 34.70
C THR E 307 6.34 -6.77 36.21
N VAL E 308 5.31 -7.17 36.96
CA VAL E 308 5.50 -7.45 38.38
C VAL E 308 6.31 -8.73 38.56
N PHE E 309 6.08 -9.71 37.67
CA PHE E 309 6.81 -10.96 37.74
C PHE E 309 8.30 -10.73 37.53
N GLY E 310 8.66 -9.80 36.65
CA GLY E 310 10.04 -9.51 36.36
C GLY E 310 10.82 -8.92 37.52
N TRP E 311 10.22 -7.98 38.24
CA TRP E 311 10.94 -7.32 39.33
C TRP E 311 10.45 -7.79 40.69
N GLY E 312 9.12 -7.82 40.89
CA GLY E 312 8.59 -8.07 42.22
C GLY E 312 8.87 -9.47 42.73
N LEU E 313 8.59 -10.47 41.91
CA LEU E 313 8.76 -11.86 42.36
C LEU E 313 10.19 -12.19 42.72
N PRO E 314 11.22 -11.75 41.98
CA PRO E 314 12.60 -11.96 42.46
C PRO E 314 12.83 -11.37 43.85
N ALA E 315 12.19 -10.24 44.17
CA ALA E 315 12.47 -9.54 45.42
C ALA E 315 11.89 -10.28 46.63
N VAL E 316 10.70 -10.89 46.47
CA VAL E 316 9.96 -11.35 47.62
C VAL E 316 10.71 -12.46 48.37
N PHE E 317 11.30 -13.41 47.62
CA PHE E 317 12.00 -14.50 48.30
C PHE E 317 13.43 -14.12 48.67
N VAL E 318 13.91 -12.97 48.19
CA VAL E 318 15.14 -12.39 48.71
C VAL E 318 14.90 -11.95 50.15
N ALA E 319 13.76 -11.30 50.39
CA ALA E 319 13.42 -10.88 51.74
C ALA E 319 13.25 -12.07 52.66
N VAL E 320 12.83 -13.23 52.13
CA VAL E 320 12.77 -14.45 52.92
C VAL E 320 14.16 -14.84 53.39
N TRP E 321 15.15 -14.71 52.50
CA TRP E 321 16.53 -14.98 52.89
C TRP E 321 17.00 -14.02 53.96
N VAL E 322 16.61 -12.74 53.85
CA VAL E 322 16.98 -11.77 54.87
C VAL E 322 16.29 -12.08 56.19
N SER E 323 15.01 -12.48 56.13
CA SER E 323 14.25 -12.74 57.36
C SER E 323 14.88 -13.88 58.16
N VAL E 324 15.24 -14.97 57.48
CA VAL E 324 15.88 -16.08 58.17
C VAL E 324 17.28 -15.68 58.65
N ARG E 325 17.99 -14.88 57.86
CA ARG E 325 19.33 -14.44 58.25
C ARG E 325 19.28 -13.50 59.45
N ALA E 326 18.13 -12.87 59.69
CA ALA E 326 17.98 -11.92 60.79
C ALA E 326 18.08 -12.59 62.16
N THR E 327 18.25 -13.92 62.16
CA THR E 327 18.49 -14.68 63.38
C THR E 327 19.53 -15.75 63.06
N LEU E 328 19.67 -16.71 63.98
CA LEU E 328 20.60 -17.82 63.84
C LEU E 328 22.04 -17.33 63.59
N LYS E 342 21.41 -19.33 51.24
CA LYS E 342 22.04 -20.04 50.14
C LYS E 342 20.99 -20.68 49.24
N TRP E 343 20.46 -21.83 49.67
CA TRP E 343 19.44 -22.52 48.88
C TRP E 343 18.15 -21.71 48.82
N ILE E 344 17.96 -20.76 49.73
CA ILE E 344 16.77 -19.92 49.69
C ILE E 344 16.76 -19.06 48.45
N ILE E 345 17.93 -18.61 48.01
CA ILE E 345 18.05 -17.72 46.86
C ILE E 345 18.60 -18.45 45.64
N GLN E 346 19.46 -19.45 45.84
CA GLN E 346 20.21 -20.02 44.72
C GLN E 346 19.31 -20.86 43.81
N VAL E 347 18.66 -21.87 44.35
CA VAL E 347 17.89 -22.80 43.51
C VAL E 347 16.65 -22.15 42.87
N PRO E 348 16.05 -21.09 43.42
CA PRO E 348 15.05 -20.38 42.59
C PRO E 348 15.63 -19.85 41.30
N ILE E 349 16.88 -19.37 41.33
CA ILE E 349 17.56 -18.97 40.10
C ILE E 349 17.85 -20.18 39.24
N LEU E 350 18.19 -21.31 39.88
CA LEU E 350 18.41 -22.55 39.13
C LEU E 350 17.15 -22.97 38.38
N ALA E 351 15.98 -22.82 39.00
CA ALA E 351 14.73 -23.15 38.32
C ALA E 351 14.51 -22.24 37.12
N SER E 352 14.82 -20.95 37.25
CA SER E 352 14.68 -20.03 36.13
C SER E 352 15.62 -20.40 35.00
N ILE E 353 16.85 -20.78 35.33
CA ILE E 353 17.81 -21.19 34.30
C ILE E 353 17.34 -22.46 33.61
N VAL E 354 16.88 -23.43 34.39
CA VAL E 354 16.42 -24.71 33.81
C VAL E 354 15.19 -24.48 32.94
N LEU E 355 14.23 -23.69 33.43
CA LEU E 355 13.03 -23.42 32.64
C LEU E 355 13.35 -22.63 31.38
N ASN E 356 14.29 -21.69 31.46
CA ASN E 356 14.67 -20.93 30.27
C ASN E 356 15.31 -21.84 29.22
N PHE E 357 16.09 -22.83 29.65
CA PHE E 357 16.67 -23.77 28.71
C PHE E 357 15.62 -24.62 28.03
N ILE E 358 14.52 -24.93 28.75
CA ILE E 358 13.43 -25.68 28.14
C ILE E 358 12.80 -24.89 27.01
N LEU E 359 12.55 -23.59 27.25
CA LEU E 359 11.99 -22.73 26.21
C LEU E 359 12.97 -22.58 25.05
N PHE E 360 14.26 -22.49 25.34
CA PHE E 360 15.25 -22.33 24.28
C PHE E 360 15.25 -23.53 23.34
N ILE E 361 15.13 -24.74 23.90
CA ILE E 361 15.12 -25.94 23.07
C ILE E 361 13.88 -25.96 22.18
N ASN E 362 12.73 -25.56 22.71
CA ASN E 362 11.50 -25.55 21.93
C ASN E 362 11.60 -24.57 20.75
N ILE E 363 12.20 -23.39 20.98
CA ILE E 363 12.23 -22.37 19.95
C ILE E 363 13.14 -22.77 18.80
N VAL E 364 14.33 -23.31 19.11
CA VAL E 364 15.26 -23.66 18.05
C VAL E 364 14.73 -24.80 17.20
N ARG E 365 13.90 -25.67 17.78
CA ARG E 365 13.26 -26.72 16.99
C ARG E 365 12.22 -26.14 16.05
N VAL E 366 11.44 -25.15 16.52
CA VAL E 366 10.48 -24.49 15.66
C VAL E 366 11.19 -23.72 14.54
N LEU E 367 12.28 -23.04 14.88
CA LEU E 367 13.04 -22.34 13.86
C LEU E 367 13.59 -23.31 12.81
N ALA E 368 14.12 -24.45 13.26
CA ALA E 368 14.57 -25.47 12.32
C ALA E 368 13.41 -26.03 11.51
N THR E 369 12.26 -26.23 12.14
CA THR E 369 11.09 -26.73 11.43
C THR E 369 10.64 -25.78 10.34
N LYS E 370 10.62 -24.48 10.64
CA LYS E 370 10.14 -23.50 9.66
C LYS E 370 11.14 -23.27 8.55
N LEU E 371 12.44 -23.37 8.84
CA LEU E 371 13.45 -23.10 7.82
C LEU E 371 13.43 -24.12 6.70
N ARG E 372 13.09 -25.38 7.00
CA ARG E 372 13.00 -26.40 5.97
C ARG E 372 11.65 -26.41 5.26
N GLU E 373 10.72 -25.54 5.66
CA GLU E 373 9.42 -25.44 5.03
C GLU E 373 9.12 -24.02 4.54
N THR E 374 10.15 -23.19 4.36
CA THR E 374 9.93 -21.84 3.86
C THR E 374 9.32 -21.87 2.47
N ASN E 375 9.90 -22.65 1.56
CA ASN E 375 9.38 -22.82 0.21
C ASN E 375 9.48 -24.29 -0.20
N ALA E 376 9.16 -25.18 0.74
CA ALA E 376 9.32 -26.63 0.56
C ALA E 376 10.77 -26.90 0.22
N GLY E 377 11.09 -27.51 -0.92
CA GLY E 377 12.46 -27.72 -1.30
C GLY E 377 13.09 -26.59 -2.08
N ARG E 378 12.37 -25.48 -2.27
CA ARG E 378 12.85 -24.36 -3.09
C ARG E 378 13.65 -23.38 -2.24
N CYS E 379 14.76 -23.90 -1.72
CA CYS E 379 15.70 -23.11 -0.91
C CYS E 379 17.05 -23.79 -0.98
N ASP E 380 17.97 -23.36 -0.12
CA ASP E 380 19.31 -23.93 -0.05
C ASP E 380 19.54 -24.48 1.36
N THR E 381 19.95 -25.75 1.44
CA THR E 381 20.19 -26.36 2.74
C THR E 381 21.33 -25.64 3.48
N ARG E 382 22.40 -25.30 2.78
CA ARG E 382 23.50 -24.57 3.41
C ARG E 382 23.06 -23.20 3.86
N GLN E 383 22.26 -22.50 3.05
CA GLN E 383 21.81 -21.16 3.42
C GLN E 383 20.94 -21.20 4.68
N GLN E 384 20.03 -22.17 4.75
CA GLN E 384 19.22 -22.34 5.95
C GLN E 384 20.03 -22.80 7.14
N TYR E 385 21.21 -23.37 6.91
CA TYR E 385 22.10 -23.70 8.02
C TYR E 385 22.71 -22.45 8.64
N ARG E 386 23.06 -21.47 7.80
CA ARG E 386 23.55 -20.19 8.32
C ARG E 386 22.47 -19.46 9.08
N LYS E 387 21.24 -19.49 8.58
CA LYS E 387 20.12 -18.85 9.29
C LYS E 387 19.87 -19.52 10.62
N LEU E 388 19.97 -20.85 10.66
CA LEU E 388 19.74 -21.57 11.92
C LEU E 388 20.87 -21.33 12.91
N LEU E 389 22.11 -21.26 12.44
CA LEU E 389 23.24 -21.09 13.34
C LEU E 389 23.24 -19.71 13.98
N LYS E 390 23.02 -18.67 13.17
CA LYS E 390 22.99 -17.31 13.71
C LYS E 390 21.83 -17.13 14.69
N SER E 391 20.66 -17.69 14.36
CA SER E 391 19.52 -17.59 15.25
C SER E 391 19.76 -18.34 16.55
N THR E 392 20.42 -19.50 16.47
CA THR E 392 20.70 -20.27 17.67
C THR E 392 21.67 -19.55 18.59
N LEU E 393 22.65 -18.84 18.03
CA LEU E 393 23.67 -18.19 18.85
C LEU E 393 23.07 -17.12 19.75
N VAL E 394 22.12 -16.33 19.24
CA VAL E 394 21.59 -15.20 19.99
C VAL E 394 20.52 -15.57 20.99
N LEU E 395 20.17 -16.85 21.12
CA LEU E 395 19.24 -17.29 22.15
C LEU E 395 19.82 -18.24 23.18
N MET E 396 20.98 -18.85 22.95
CA MET E 396 21.48 -19.83 23.90
C MET E 396 21.89 -19.15 25.20
N PRO E 397 21.40 -19.64 26.35
CA PRO E 397 21.72 -19.00 27.64
C PRO E 397 23.07 -19.43 28.21
N LEU E 398 24.13 -18.87 27.65
CA LEU E 398 25.47 -19.12 28.17
C LEU E 398 25.74 -18.38 29.48
N PHE E 399 24.89 -17.42 29.85
CA PHE E 399 25.02 -16.80 31.16
C PHE E 399 24.47 -17.71 32.24
N GLY E 400 23.38 -18.42 31.94
CA GLY E 400 22.80 -19.33 32.92
C GLY E 400 23.70 -20.52 33.22
N VAL E 401 24.36 -21.06 32.19
CA VAL E 401 25.27 -22.18 32.43
C VAL E 401 26.48 -21.73 33.24
N HIS E 402 26.89 -20.47 33.10
CA HIS E 402 28.01 -19.96 33.90
C HIS E 402 27.64 -19.87 35.36
N TYR E 403 26.37 -19.66 35.68
CA TYR E 403 25.95 -19.58 37.07
C TYR E 403 26.03 -20.94 37.75
N ILE E 404 25.51 -21.98 37.11
CA ILE E 404 25.51 -23.31 37.72
C ILE E 404 26.91 -23.88 37.78
N VAL E 405 27.72 -23.65 36.73
CA VAL E 405 29.09 -24.15 36.73
C VAL E 405 29.90 -23.49 37.85
N PHE E 406 29.79 -22.17 37.97
CA PHE E 406 30.47 -21.47 39.05
C PHE E 406 29.85 -21.80 40.40
N MET E 407 28.53 -21.86 40.46
CA MET E 407 27.83 -22.18 41.71
C MET E 407 26.51 -22.88 41.43
N MET E 427 35.67 -13.52 37.30
CA MET E 427 36.70 -12.51 37.14
C MET E 427 36.40 -11.61 35.95
N LEU E 428 37.10 -11.87 34.83
CA LEU E 428 36.87 -11.11 33.61
C LEU E 428 35.48 -11.34 33.03
N PHE E 429 34.81 -12.43 33.42
CA PHE E 429 33.48 -12.72 32.88
C PHE E 429 32.50 -11.61 33.23
N ASN E 430 32.52 -11.14 34.48
CA ASN E 430 31.62 -10.07 34.88
C ASN E 430 31.90 -8.78 34.11
N SER E 431 33.17 -8.56 33.76
CA SER E 431 33.54 -7.32 33.07
C SER E 431 32.90 -7.26 31.68
N PHE E 432 32.91 -8.38 30.96
CA PHE E 432 32.40 -8.30 29.57
C PHE E 432 30.90 -8.63 29.44
N GLN E 433 30.30 -9.38 30.37
CA GLN E 433 28.87 -9.74 30.33
C GLN E 433 28.03 -8.48 30.09
N GLY E 434 28.26 -7.42 30.83
CA GLY E 434 27.38 -6.28 30.58
C GLY E 434 27.62 -5.62 29.25
N PHE E 435 28.89 -5.49 28.85
CA PHE E 435 29.14 -4.78 27.60
C PHE E 435 28.93 -5.67 26.38
N PHE E 436 29.10 -6.99 26.53
CA PHE E 436 28.96 -7.90 25.40
C PHE E 436 27.53 -7.94 24.88
N VAL E 437 26.54 -7.85 25.79
CA VAL E 437 25.14 -7.95 25.37
C VAL E 437 24.73 -6.76 24.52
N ALA E 438 25.26 -5.56 24.81
CA ALA E 438 24.84 -4.37 24.08
C ALA E 438 25.27 -4.42 22.62
N ILE E 439 26.40 -5.06 22.33
CA ILE E 439 26.88 -5.13 20.94
C ILE E 439 25.91 -5.91 20.07
N ILE E 440 25.45 -7.07 20.56
CA ILE E 440 24.65 -7.96 19.74
C ILE E 440 23.19 -7.55 19.76
N TYR E 441 22.64 -7.29 20.95
CA TYR E 441 21.20 -7.11 21.08
C TYR E 441 20.75 -5.69 20.73
N CYS E 442 21.62 -4.69 20.92
CA CYS E 442 21.24 -3.32 20.62
C CYS E 442 22.09 -2.66 19.55
N PHE E 443 23.36 -3.05 19.39
CA PHE E 443 24.22 -2.46 18.37
C PHE E 443 24.18 -3.23 17.06
N CYS E 444 24.34 -4.56 17.12
CA CYS E 444 24.24 -5.37 15.91
C CYS E 444 22.80 -5.51 15.41
N ASN E 445 21.82 -5.05 16.20
CA ASN E 445 20.42 -5.07 15.79
C ASN E 445 20.24 -4.36 14.45
N GLY E 446 19.79 -5.10 13.45
CA GLY E 446 19.75 -4.59 12.09
C GLY E 446 18.66 -3.59 11.79
N GLU E 447 17.74 -3.34 12.72
CA GLU E 447 16.67 -2.38 12.49
C GLU E 447 16.87 -1.06 13.22
N VAL E 448 17.52 -1.05 14.39
CA VAL E 448 17.92 0.22 14.98
C VAL E 448 19.03 0.86 14.16
N GLN E 449 19.85 0.06 13.49
CA GLN E 449 20.91 0.60 12.65
C GLN E 449 20.34 1.42 11.51
N ALA E 450 19.26 0.95 10.89
CA ALA E 450 18.57 1.73 9.87
C ALA E 450 17.71 2.84 10.48
N GLU E 451 17.33 2.71 11.76
CA GLU E 451 16.53 3.74 12.39
C GLU E 451 17.35 4.99 12.68
N ILE E 452 18.57 4.82 13.20
CA ILE E 452 19.44 5.98 13.39
C ILE E 452 19.83 6.58 12.05
N LYS E 453 20.00 5.74 11.02
CA LYS E 453 20.20 6.26 9.67
C LYS E 453 18.99 7.09 9.23
N LYS E 454 17.79 6.62 9.56
CA LYS E 454 16.60 7.44 9.34
C LYS E 454 16.62 8.69 10.20
N SER E 455 17.10 8.57 11.44
CA SER E 455 17.20 9.74 12.32
C SER E 455 18.20 10.76 11.77
N TRP E 456 19.37 10.29 11.33
CA TRP E 456 20.36 11.20 10.77
C TRP E 456 19.85 11.82 9.46
N SER E 457 19.14 11.03 8.65
CA SER E 457 18.61 11.55 7.40
C SER E 457 17.60 12.67 7.65
N ARG E 458 16.73 12.50 8.67
CA ARG E 458 15.74 13.52 8.97
C ARG E 458 16.40 14.80 9.48
N TRP E 459 17.30 14.67 10.47
CA TRP E 459 17.95 15.86 11.03
C TRP E 459 18.93 16.47 10.04
N THR E 460 19.73 15.64 9.37
CA THR E 460 20.73 16.12 8.43
C THR E 460 20.31 15.84 6.99
C1 KHF F . 17.34 -8.89 23.41
C10 KHF F . 17.71 -12.32 24.30
C11 KHF F . 19.24 -14.87 25.67
C12 KHF F . 20.27 -15.65 26.47
C13 KHF F . 21.49 -14.79 26.78
C14 KHF F . 21.06 -13.48 27.45
C15 KHF F . 19.99 -12.77 26.65
C16 KHF F . 23.48 -15.07 25.74
C17 KHF F . 22.48 -15.53 27.65
C18 KHF F . 24.50 -15.13 24.68
C19 KHF F . 24.20 -14.69 23.40
C2 KHF F . 17.06 -9.75 22.19
C20 KHF F . 25.15 -14.74 22.40
C21 KHF F . 26.43 -15.21 22.68
C22 KHF F . 28.57 -15.85 21.84
C23 KHF F . 26.74 -15.64 23.96
C24 KHF F . 25.77 -15.59 24.96
C25 KHF F . 16.35 -8.46 17.96
C26 KHF F . 18.05 -8.77 16.47
C27 KHF F . 18.32 -9.73 17.61
C28 KHF F . 19.64 -9.41 18.31
C29 KHF F . 18.30 -11.17 17.10
C3 KHF F . 17.23 -9.21 20.93
C4 KHF F . 16.99 -9.99 19.81
C5 KHF F . 16.57 -11.30 19.94
C6 KHF F . 16.40 -11.86 21.20
C7 KHF F . 15.94 -13.29 21.31
C8 KHF F . 16.64 -11.08 22.34
C9 KHF F . 16.46 -11.68 23.72
F1 KHF F . 28.43 -17.12 22.19
F2 KHF F . 29.29 -15.26 22.77
F3 KHF F . 29.29 -15.84 20.75
N1 KHF F . 18.86 -13.67 26.40
N2 KHF F . 22.30 -14.55 25.57
N3 KHF F . 23.65 -15.61 26.96
N4 KHF F . 17.16 -9.42 18.52
N5 KHF F . 16.90 -8.09 16.76
O1 KHF F . 16.47 -13.99 25.87
O2 KHF F . 17.26 -11.84 26.81
O3 KHF F . 22.26 -15.96 28.77
O4 KHF F . 27.40 -15.25 21.64
O5 KHF F . 15.33 -8.00 18.43
O6 KHF F . 18.76 -8.61 15.49
S1 KHF F . 17.46 -12.95 25.94
#